data_6Q74
#
_entry.id   6Q74
#
_cell.length_a   141.280
_cell.length_b   63.960
_cell.length_c   116.220
_cell.angle_alpha   90.00
_cell.angle_beta   102.16
_cell.angle_gamma   90.00
#
_symmetry.space_group_name_H-M   'C 1 2 1'
#
loop_
_entity.id
_entity.type
_entity.pdbx_description
1 polymer 'Phosphatidylinositol 4,5-bisphosphate 3-kinase catalytic subunit delta isoform'
2 non-polymer ~{N}-[5-(3,6-dihydro-2~{H}-pyran-4-yl)-2-methoxy-pyridin-3-yl]-2-methyl-1-(phenylmethyl)imidazole-4-sulfonamide
3 water water
#
_entity_poly.entity_id   1
_entity_poly.type   'polypeptide(L)'
_entity_poly.pdbx_seq_one_letter_code
;GGDRVKKLINSQISLLIGKGLHEFDSLRDPEVNDFRTKMRQFCEEAAAHRQQLGWVEWLQYSFPLQLEPSARGWRAGLLR
VSNRALLVNVKFEGSEESFTFQVSTKDMPLALMACALRKKATVFRQPLVEQPEEYALQVNGRHEYLYGNYPLCHFQYICS
CLHSGLTPHLTMVHSSSILAMRDEQSNPAPQVQKPRAKPPPIPAKKPSSVSLWSLEQPFSIELIEGRKVNADERMKLVVQ
AGLFHGNEMLCKTVSSSEVNVCSEPVWKQRLEFDISVCDLPRMARLCFALYAVVEKAKKARSTKKKSKKADCPIAWANLM
LFDYKDQLKTGERCLYMWPSVPDEKGELLNPAGTVRGNPNTESAAALVIYLPEVAPHPVYFPALEKILELGRHGERGRIT
EEEQLQLREILERRGSGELYEHEKDLVWKMRHEVQEHFPEALARLLLVTKWNKHEDVAQMLYLLCSWPELPVLSALELLD
FSFPDCYVGSFAIKSLRKLTDDELFQYLLQLVQVLKYESYLDCELTKFLLGRALANRKIGHFLFWHLRSEMHVPSVALRF
GLIMEAYCRGSTHHMKVLMKQGEALSKLKALNDFVKVSSQKTTKPQTKEMMHMCMRQETYMEALSHLQSPLDPSTLLEEV
CVEQCTFMDSKMKPLWIMYSSEEAGSAGNVGIIFKNGDDLRQDMLTLQMIQLMDVLWKQEGLDLRMTPYGCLPTGDRTGL
IEVVLHSDTIANIQLNKSNMAATAAFNKDALLNWLKSKNPGEALDRAIEEFTLSCAGYCVATYVLGIGDRHSDNIMIRES
GQLFHIDFGHFLGNFKTKFGINRERVPFILTYDFVHVIQQGKTNNSEKFERFRGYCERAYTILRRHGLLFLHLFALMRAA
GLPELSCSKDIQYLKDSLALGKTEEEALKHFRVKFNEALRESWKTKVNWLAHNVSKDNRQ
;
_entity_poly.pdbx_strand_id   A
#
# COMPACT_ATOMS: atom_id res chain seq x y z
N ASP A 3 9.71 27.56 22.62
CA ASP A 3 11.13 27.23 22.78
C ASP A 3 11.30 25.95 23.59
N ARG A 4 10.93 25.97 24.90
CA ARG A 4 11.00 24.84 25.85
C ARG A 4 10.28 23.57 25.37
N VAL A 5 9.22 23.73 24.55
CA VAL A 5 8.41 22.64 24.01
C VAL A 5 8.76 22.33 22.55
N LYS A 6 9.21 23.37 21.81
CA LYS A 6 9.68 23.33 20.42
C LYS A 6 10.91 22.44 20.31
N LYS A 7 11.84 22.53 21.31
CA LYS A 7 13.03 21.68 21.36
C LYS A 7 12.61 20.22 21.58
N LEU A 8 11.68 19.96 22.54
CA LEU A 8 11.19 18.60 22.80
C LEU A 8 10.44 18.03 21.61
N ILE A 9 9.50 18.77 21.00
CA ILE A 9 8.78 18.25 19.83
C ILE A 9 9.80 17.79 18.78
N ASN A 10 10.84 18.62 18.52
CA ASN A 10 11.94 18.36 17.58
C ASN A 10 12.73 17.09 17.88
N SER A 11 13.14 16.90 19.15
CA SER A 11 13.86 15.71 19.62
C SER A 11 13.01 14.44 19.50
N GLN A 12 11.70 14.54 19.79
CA GLN A 12 10.72 13.45 19.69
C GLN A 12 10.52 13.00 18.24
N ILE A 13 10.48 13.99 17.31
CA ILE A 13 10.34 13.80 15.85
C ILE A 13 11.55 13.05 15.37
N SER A 14 12.75 13.54 15.72
CA SER A 14 14.05 12.91 15.43
C SER A 14 14.09 11.42 15.85
N LEU A 15 13.64 11.13 17.08
CA LEU A 15 13.55 9.79 17.65
C LEU A 15 12.62 8.96 16.79
N LEU A 16 11.38 9.48 16.58
CA LEU A 16 10.32 8.83 15.83
C LEU A 16 10.67 8.46 14.38
N ILE A 17 11.26 9.41 13.61
CA ILE A 17 11.55 9.21 12.18
C ILE A 17 12.89 8.47 11.95
N GLY A 18 13.64 8.21 13.04
CA GLY A 18 14.90 7.47 13.02
C GLY A 18 16.02 8.18 12.30
N LYS A 19 16.04 9.54 12.39
CA LYS A 19 16.98 10.47 11.76
C LYS A 19 16.78 11.85 12.40
N GLY A 20 17.87 12.47 12.86
CA GLY A 20 17.90 13.79 13.47
C GLY A 20 17.59 14.91 12.48
N LEU A 21 16.80 15.91 12.93
CA LEU A 21 16.38 17.05 12.10
C LEU A 21 17.56 18.00 11.74
N HIS A 22 18.71 17.83 12.45
CA HIS A 22 19.96 18.56 12.23
C HIS A 22 20.58 18.13 10.88
N GLU A 23 20.38 16.86 10.49
CA GLU A 23 20.86 16.25 9.25
C GLU A 23 20.18 16.93 8.06
N PHE A 24 18.92 17.36 8.25
CA PHE A 24 18.18 18.09 7.23
C PHE A 24 18.82 19.46 6.97
N ASP A 25 19.16 20.20 8.05
CA ASP A 25 19.79 21.52 7.99
C ASP A 25 21.25 21.48 7.54
N SER A 26 21.96 20.34 7.80
CA SER A 26 23.36 20.11 7.39
C SER A 26 23.52 20.11 5.85
N LEU A 27 22.42 19.85 5.11
CA LEU A 27 22.43 19.83 3.66
C LEU A 27 22.55 21.25 3.08
N ARG A 28 22.20 22.29 3.90
CA ARG A 28 22.15 23.73 3.57
C ARG A 28 21.51 23.86 2.18
N ASP A 29 20.38 23.17 2.03
CA ASP A 29 19.63 22.96 0.81
C ASP A 29 18.32 23.79 0.68
N PRO A 30 18.27 24.75 -0.27
CA PRO A 30 17.05 25.54 -0.47
C PRO A 30 15.77 24.73 -0.69
N GLU A 31 15.80 23.71 -1.62
CA GLU A 31 14.63 22.86 -1.91
C GLU A 31 14.11 22.19 -0.66
N VAL A 32 15.01 21.55 0.13
CA VAL A 32 14.73 20.88 1.41
C VAL A 32 14.16 21.89 2.43
N ASN A 33 14.79 23.08 2.54
CA ASN A 33 14.36 24.14 3.45
C ASN A 33 12.98 24.69 3.11
N ASP A 34 12.71 24.98 1.80
CA ASP A 34 11.43 25.51 1.32
C ASP A 34 10.28 24.52 1.47
N PHE A 35 10.55 23.19 1.36
CA PHE A 35 9.57 22.15 1.56
C PHE A 35 9.16 22.14 3.03
N ARG A 36 10.17 22.11 3.93
CA ARG A 36 9.96 22.09 5.38
C ARG A 36 9.09 23.24 5.86
N THR A 37 9.39 24.46 5.42
CA THR A 37 8.66 25.66 5.81
C THR A 37 7.21 25.67 5.33
N LYS A 38 7.00 25.39 4.02
CA LYS A 38 5.70 25.35 3.34
C LYS A 38 4.83 24.23 3.89
N MET A 39 5.42 23.03 4.16
CA MET A 39 4.69 21.86 4.66
C MET A 39 4.43 21.90 6.16
N ARG A 40 5.21 22.65 6.93
CA ARG A 40 4.94 22.82 8.37
C ARG A 40 3.71 23.73 8.48
N GLN A 41 3.63 24.78 7.62
CA GLN A 41 2.54 25.74 7.56
C GLN A 41 1.23 25.05 7.14
N PHE A 42 1.29 24.18 6.10
CA PHE A 42 0.12 23.42 5.59
C PHE A 42 -0.42 22.46 6.64
N CYS A 43 0.48 21.81 7.39
CA CYS A 43 0.12 20.87 8.43
C CYS A 43 -0.34 21.56 9.74
N GLU A 44 0.16 22.77 10.03
CA GLU A 44 -0.30 23.55 11.19
C GLU A 44 -1.72 24.04 10.93
N GLU A 45 -2.05 24.40 9.66
CA GLU A 45 -3.41 24.80 9.23
C GLU A 45 -4.40 23.65 9.44
N ALA A 46 -3.95 22.39 9.21
CA ALA A 46 -4.76 21.17 9.41
C ALA A 46 -5.07 20.98 10.88
N ALA A 47 -4.03 21.00 11.75
CA ALA A 47 -4.15 20.87 13.20
C ALA A 47 -5.15 21.88 13.78
N ALA A 48 -5.13 23.13 13.30
CA ALA A 48 -6.02 24.21 13.69
C ALA A 48 -7.48 23.93 13.26
N HIS A 49 -7.69 23.41 12.03
CA HIS A 49 -9.02 23.07 11.48
C HIS A 49 -9.67 22.00 12.35
N ARG A 50 -8.86 21.04 12.79
CA ARG A 50 -9.28 19.93 13.61
C ARG A 50 -9.79 20.32 14.99
N GLN A 51 -9.17 21.34 15.58
CA GLN A 51 -9.56 21.83 16.91
C GLN A 51 -10.84 22.64 16.87
N GLN A 52 -11.33 22.96 15.67
CA GLN A 52 -12.58 23.69 15.48
C GLN A 52 -13.65 22.82 14.77
N LEU A 53 -13.43 21.49 14.82
CA LEU A 53 -14.38 20.48 14.30
C LEU A 53 -15.49 20.26 15.33
N GLY A 54 -16.58 19.69 14.86
CA GLY A 54 -17.66 19.29 15.73
C GLY A 54 -17.31 17.94 16.34
N TRP A 55 -18.03 17.50 17.37
CA TRP A 55 -17.67 16.22 17.97
C TRP A 55 -17.86 15.01 17.00
N VAL A 56 -18.89 15.04 16.13
CA VAL A 56 -19.09 13.94 15.19
C VAL A 56 -17.98 13.92 14.10
N GLU A 57 -17.57 15.13 13.61
CA GLU A 57 -16.52 15.31 12.60
C GLU A 57 -15.17 14.93 13.18
N TRP A 58 -14.98 15.15 14.50
CA TRP A 58 -13.80 14.73 15.22
C TRP A 58 -13.81 13.18 15.41
N LEU A 59 -15.00 12.57 15.62
CA LEU A 59 -15.09 11.12 15.67
C LEU A 59 -14.77 10.53 14.29
N GLN A 60 -15.18 11.19 13.18
CA GLN A 60 -14.88 10.81 11.80
C GLN A 60 -13.39 10.92 11.52
N TYR A 61 -12.65 11.71 12.33
CA TYR A 61 -11.21 11.89 12.18
C TYR A 61 -10.45 10.78 12.93
N SER A 62 -10.65 10.70 14.26
CA SER A 62 -9.98 9.77 15.16
C SER A 62 -10.48 8.36 15.00
N PHE A 63 -11.79 8.18 14.76
CA PHE A 63 -12.43 6.88 14.65
C PHE A 63 -13.23 6.77 13.35
N PRO A 64 -12.59 6.73 12.15
CA PRO A 64 -13.40 6.62 10.91
C PRO A 64 -14.23 5.33 10.89
N LEU A 65 -15.42 5.35 10.30
CA LEU A 65 -16.30 4.18 10.24
C LEU A 65 -15.74 2.99 9.44
N GLN A 66 -15.90 1.79 10.03
CA GLN A 66 -15.53 0.48 9.49
C GLN A 66 -16.81 -0.18 8.98
N LEU A 67 -17.13 0.10 7.73
CA LEU A 67 -18.33 -0.37 7.06
C LEU A 67 -18.13 -1.62 6.23
N GLU A 68 -19.21 -2.40 6.06
CA GLU A 68 -19.18 -3.59 5.24
C GLU A 68 -19.09 -3.18 3.79
N PRO A 69 -18.22 -3.83 2.96
CA PRO A 69 -18.05 -3.41 1.56
C PRO A 69 -19.32 -3.11 0.77
N SER A 70 -20.36 -3.95 0.94
CA SER A 70 -21.66 -3.84 0.27
C SER A 70 -22.49 -2.60 0.68
N ALA A 71 -22.23 -2.04 1.88
CA ALA A 71 -22.89 -0.86 2.44
C ALA A 71 -22.30 0.45 1.92
N ARG A 72 -20.98 0.43 1.58
CA ARG A 72 -20.20 1.59 1.07
C ARG A 72 -20.77 2.15 -0.24
N GLY A 73 -20.93 3.47 -0.30
CA GLY A 73 -21.50 4.15 -1.45
C GLY A 73 -23.01 4.33 -1.37
N ASN A 83 -36.10 -7.49 10.00
CA ASN A 83 -35.51 -8.63 9.30
C ASN A 83 -34.96 -9.69 10.27
N ARG A 84 -33.69 -9.50 10.78
CA ARG A 84 -33.02 -10.43 11.70
C ARG A 84 -32.94 -9.91 13.15
N ALA A 85 -32.93 -10.83 14.12
CA ALA A 85 -32.85 -10.52 15.55
C ALA A 85 -31.38 -10.39 15.97
N LEU A 86 -31.10 -9.51 16.94
CA LEU A 86 -29.75 -9.27 17.42
C LEU A 86 -29.68 -8.97 18.94
N LEU A 87 -28.91 -9.76 19.68
CA LEU A 87 -28.70 -9.52 21.10
C LEU A 87 -27.53 -8.55 21.27
N VAL A 88 -27.77 -7.40 21.91
CA VAL A 88 -26.75 -6.36 22.08
C VAL A 88 -26.54 -5.97 23.57
N ASN A 89 -25.29 -5.80 24.00
CA ASN A 89 -24.94 -5.41 25.37
C ASN A 89 -24.47 -3.97 25.39
N VAL A 90 -25.16 -3.11 26.17
CA VAL A 90 -24.85 -1.68 26.26
C VAL A 90 -24.58 -1.27 27.69
N LYS A 91 -23.56 -0.42 27.91
CA LYS A 91 -23.23 0.17 29.18
C LYS A 91 -22.96 1.65 28.95
N PHE A 92 -22.83 2.43 30.01
CA PHE A 92 -22.56 3.84 29.97
C PHE A 92 -21.19 4.02 30.55
N GLU A 93 -20.40 4.91 29.94
CA GLU A 93 -19.03 5.22 30.33
C GLU A 93 -19.02 5.54 31.81
N GLY A 94 -18.20 4.80 32.55
CA GLY A 94 -18.07 4.97 34.00
C GLY A 94 -18.81 3.96 34.85
N SER A 95 -19.90 3.39 34.30
CA SER A 95 -20.73 2.41 35.01
C SER A 95 -20.24 0.98 34.84
N GLU A 96 -20.35 0.20 35.92
CA GLU A 96 -19.97 -1.21 35.97
C GLU A 96 -21.10 -2.02 35.33
N GLU A 97 -22.35 -1.59 35.60
CA GLU A 97 -23.59 -2.20 35.12
C GLU A 97 -23.82 -2.03 33.62
N SER A 98 -24.53 -2.99 33.02
CA SER A 98 -24.86 -3.01 31.62
C SER A 98 -26.28 -3.55 31.37
N PHE A 99 -26.82 -3.28 30.17
CA PHE A 99 -28.13 -3.73 29.74
C PHE A 99 -27.97 -4.59 28.49
N THR A 100 -28.57 -5.77 28.48
CA THR A 100 -28.57 -6.67 27.33
C THR A 100 -29.97 -6.60 26.74
N PHE A 101 -30.07 -6.28 25.44
CA PHE A 101 -31.38 -6.19 24.81
C PHE A 101 -31.42 -6.66 23.39
N GLN A 102 -32.62 -6.93 22.92
CA GLN A 102 -32.84 -7.39 21.58
C GLN A 102 -33.07 -6.18 20.68
N VAL A 103 -32.36 -6.15 19.57
CA VAL A 103 -32.47 -5.15 18.53
C VAL A 103 -32.58 -5.91 17.20
N SER A 104 -32.73 -5.17 16.11
CA SER A 104 -32.74 -5.74 14.79
C SER A 104 -31.54 -5.22 14.03
N THR A 105 -30.97 -6.07 13.17
CA THR A 105 -29.86 -5.79 12.28
C THR A 105 -30.19 -4.57 11.42
N LYS A 106 -31.49 -4.34 11.12
CA LYS A 106 -31.96 -3.20 10.34
C LYS A 106 -32.12 -1.91 11.17
N ASP A 107 -31.99 -1.98 12.52
CA ASP A 107 -32.10 -0.81 13.42
C ASP A 107 -30.84 0.01 13.29
N MET A 108 -30.93 1.31 13.60
CA MET A 108 -29.79 2.22 13.51
C MET A 108 -29.24 2.59 14.89
N PRO A 109 -27.96 3.05 15.02
CA PRO A 109 -27.43 3.37 16.36
C PRO A 109 -28.30 4.31 17.21
N LEU A 110 -28.97 5.34 16.60
CA LEU A 110 -29.87 6.29 17.31
C LEU A 110 -31.07 5.61 17.99
N ALA A 111 -31.54 4.47 17.44
CA ALA A 111 -32.64 3.68 17.99
C ALA A 111 -32.13 2.84 19.18
N LEU A 112 -30.90 2.30 19.04
CA LEU A 112 -30.19 1.51 20.03
C LEU A 112 -29.84 2.40 21.24
N MET A 113 -29.37 3.65 20.97
CA MET A 113 -29.03 4.64 22.00
C MET A 113 -30.29 5.12 22.72
N ALA A 114 -31.37 5.45 21.97
CA ALA A 114 -32.66 5.88 22.54
C ALA A 114 -33.21 4.82 23.51
N CYS A 115 -32.98 3.54 23.19
CA CYS A 115 -33.39 2.37 23.96
C CYS A 115 -32.58 2.22 25.25
N ALA A 116 -31.26 2.43 25.19
CA ALA A 116 -30.34 2.37 26.34
C ALA A 116 -30.59 3.56 27.29
N LEU A 117 -31.03 4.70 26.72
CA LEU A 117 -31.39 5.89 27.49
C LEU A 117 -32.73 5.69 28.22
N ARG A 118 -33.61 4.81 27.68
CA ARG A 118 -34.88 4.47 28.29
C ARG A 118 -34.63 3.56 29.48
N LYS A 119 -33.93 2.43 29.26
CA LYS A 119 -33.56 1.47 30.31
C LYS A 119 -32.89 2.15 31.52
N LYS A 120 -31.93 3.07 31.27
CA LYS A 120 -31.21 3.86 32.27
C LYS A 120 -32.16 4.79 32.98
N ALA A 121 -33.05 5.50 32.22
CA ALA A 121 -34.05 6.41 32.78
C ALA A 121 -35.03 5.70 33.71
N THR A 122 -35.33 4.39 33.47
CA THR A 122 -36.25 3.64 34.33
C THR A 122 -35.51 3.03 35.55
N VAL A 123 -34.25 2.58 35.36
CA VAL A 123 -33.38 2.06 36.42
C VAL A 123 -33.00 3.21 37.39
N PHE A 124 -32.72 4.43 36.84
CA PHE A 124 -32.34 5.63 37.59
C PHE A 124 -33.55 6.50 37.98
N ARG A 125 -34.78 6.00 37.72
CA ARG A 125 -36.09 6.55 38.10
C ARG A 125 -36.41 8.01 37.69
N GLN A 126 -35.71 8.60 36.71
CA GLN A 126 -35.97 9.99 36.30
C GLN A 126 -35.97 10.17 34.77
N PRO A 127 -36.86 11.01 34.18
CA PRO A 127 -36.83 11.24 32.71
C PRO A 127 -35.60 12.07 32.36
N LEU A 128 -34.71 11.51 31.52
CA LEU A 128 -33.42 12.12 31.17
C LEU A 128 -33.47 13.28 30.18
N VAL A 129 -32.70 14.35 30.52
CA VAL A 129 -32.51 15.57 29.72
C VAL A 129 -31.79 15.21 28.41
N GLU A 130 -30.72 14.36 28.52
CA GLU A 130 -29.91 13.84 27.43
C GLU A 130 -30.75 13.11 26.39
N GLN A 131 -30.45 13.39 25.10
CA GLN A 131 -31.13 12.82 23.95
C GLN A 131 -30.20 11.85 23.20
N PRO A 132 -30.74 10.80 22.50
CA PRO A 132 -29.85 9.86 21.78
C PRO A 132 -28.87 10.51 20.79
N GLU A 133 -29.16 11.74 20.34
CA GLU A 133 -28.34 12.49 19.39
C GLU A 133 -26.99 12.95 20.01
N GLU A 134 -26.96 13.06 21.35
CA GLU A 134 -25.79 13.52 22.13
C GLU A 134 -24.76 12.42 22.39
N TYR A 135 -24.99 11.20 21.91
CA TYR A 135 -24.15 10.06 22.19
C TYR A 135 -23.57 9.36 21.00
N ALA A 136 -22.50 8.61 21.23
CA ALA A 136 -21.86 7.75 20.23
C ALA A 136 -21.68 6.38 20.87
N LEU A 137 -21.71 5.32 20.08
CA LEU A 137 -21.54 4.00 20.61
C LEU A 137 -20.13 3.51 20.43
N GLN A 138 -19.33 3.45 21.51
CA GLN A 138 -17.98 2.92 21.40
C GLN A 138 -18.04 1.42 21.41
N VAL A 139 -17.23 0.72 20.59
CA VAL A 139 -17.09 -0.74 20.68
C VAL A 139 -16.17 -0.91 21.92
N ASN A 140 -16.54 -1.78 22.88
CA ASN A 140 -15.80 -1.96 24.15
C ASN A 140 -14.33 -2.34 24.03
N GLY A 141 -13.49 -1.51 24.66
CA GLY A 141 -12.04 -1.67 24.69
C GLY A 141 -11.38 -1.61 23.32
N ARG A 142 -11.91 -0.76 22.42
CA ARG A 142 -11.44 -0.59 21.05
C ARG A 142 -11.51 0.87 20.64
N HIS A 143 -10.67 1.26 19.68
CA HIS A 143 -10.68 2.62 19.14
C HIS A 143 -11.55 2.56 17.92
N GLU A 144 -12.79 2.11 18.14
CA GLU A 144 -13.83 1.88 17.17
C GLU A 144 -15.15 2.34 17.80
N TYR A 145 -15.96 3.02 16.98
CA TYR A 145 -17.25 3.59 17.30
C TYR A 145 -18.28 3.19 16.26
N LEU A 146 -19.55 3.37 16.62
CA LEU A 146 -20.67 3.13 15.71
C LEU A 146 -21.51 4.36 15.85
N TYR A 147 -21.68 5.06 14.75
CA TYR A 147 -22.44 6.29 14.65
C TYR A 147 -22.90 6.43 13.19
N GLY A 148 -23.79 7.37 12.94
CA GLY A 148 -24.34 7.59 11.61
C GLY A 148 -25.64 6.85 11.39
N ASN A 149 -26.32 7.15 10.29
CA ASN A 149 -27.59 6.53 9.93
C ASN A 149 -27.33 5.44 8.90
N TYR A 150 -26.78 4.32 9.41
CA TYR A 150 -26.46 3.05 8.73
C TYR A 150 -27.09 2.02 9.64
N PRO A 151 -27.87 1.05 9.12
CA PRO A 151 -28.38 0.01 10.01
C PRO A 151 -27.22 -0.79 10.61
N LEU A 152 -27.43 -1.34 11.80
CA LEU A 152 -26.47 -2.11 12.56
C LEU A 152 -25.70 -3.20 11.78
N CYS A 153 -26.34 -3.89 10.80
CA CYS A 153 -25.66 -4.92 10.02
C CYS A 153 -24.58 -4.37 9.07
N HIS A 154 -24.64 -3.05 8.73
CA HIS A 154 -23.69 -2.39 7.83
C HIS A 154 -22.30 -2.13 8.47
N PHE A 155 -22.20 -2.20 9.80
CA PHE A 155 -20.93 -2.03 10.52
C PHE A 155 -20.19 -3.36 10.59
N GLN A 156 -18.88 -3.31 10.33
CA GLN A 156 -17.98 -4.47 10.35
C GLN A 156 -17.96 -5.22 11.70
N TYR A 157 -17.98 -4.47 12.83
CA TYR A 157 -17.98 -5.06 14.16
C TYR A 157 -19.20 -5.90 14.39
N ILE A 158 -20.40 -5.36 14.08
CA ILE A 158 -21.68 -6.06 14.24
C ILE A 158 -21.70 -7.32 13.36
N CYS A 159 -21.18 -7.21 12.11
CA CYS A 159 -21.07 -8.33 11.17
C CYS A 159 -20.18 -9.43 11.69
N SER A 160 -18.98 -9.07 12.16
CA SER A 160 -18.01 -9.98 12.77
C SER A 160 -18.75 -10.80 13.85
N CYS A 161 -19.44 -10.09 14.77
CA CYS A 161 -20.24 -10.62 15.88
C CYS A 161 -21.31 -11.61 15.41
N LEU A 162 -22.17 -11.20 14.45
CA LEU A 162 -23.24 -12.02 13.86
C LEU A 162 -22.76 -13.38 13.31
N HIS A 163 -21.55 -13.43 12.71
CA HIS A 163 -20.90 -14.61 12.11
C HIS A 163 -20.30 -15.51 13.17
N SER A 164 -19.47 -14.93 14.05
CA SER A 164 -18.74 -15.60 15.13
C SER A 164 -19.59 -15.99 16.36
N GLY A 165 -20.91 -15.73 16.29
CA GLY A 165 -21.89 -15.98 17.33
C GLY A 165 -21.70 -15.23 18.64
N LEU A 166 -20.90 -14.14 18.62
CA LEU A 166 -20.62 -13.32 19.81
C LEU A 166 -21.58 -12.12 19.90
N THR A 167 -21.82 -11.63 21.13
CA THR A 167 -22.70 -10.51 21.45
C THR A 167 -21.95 -9.16 21.38
N PRO A 168 -22.42 -8.21 20.55
CA PRO A 168 -21.81 -6.88 20.53
C PRO A 168 -21.88 -6.22 21.91
N HIS A 169 -20.73 -5.83 22.44
CA HIS A 169 -20.59 -5.13 23.70
C HIS A 169 -20.21 -3.70 23.35
N LEU A 170 -21.14 -2.75 23.58
CA LEU A 170 -21.01 -1.30 23.29
C LEU A 170 -21.13 -0.45 24.54
N THR A 171 -20.51 0.75 24.52
CA THR A 171 -20.53 1.74 25.61
C THR A 171 -21.10 3.03 25.03
N MET A 172 -21.96 3.72 25.80
CA MET A 172 -22.56 5.01 25.47
C MET A 172 -21.57 6.15 25.84
N VAL A 173 -20.94 6.80 24.83
CA VAL A 173 -20.03 7.95 25.04
C VAL A 173 -20.76 9.28 24.74
N HIS A 174 -20.84 10.15 25.75
CA HIS A 174 -21.49 11.44 25.58
C HIS A 174 -20.60 12.38 24.80
N SER A 175 -21.18 13.28 24.00
CA SER A 175 -20.48 14.31 23.24
C SER A 175 -19.41 15.01 24.07
N SER A 176 -19.71 15.30 25.36
CA SER A 176 -18.80 15.98 26.29
C SER A 176 -17.51 15.17 26.47
N SER A 177 -17.64 13.88 26.72
CA SER A 177 -16.52 12.96 26.86
C SER A 177 -15.62 12.99 25.58
N ILE A 178 -16.23 12.89 24.37
CA ILE A 178 -15.59 12.96 23.04
C ILE A 178 -14.84 14.32 22.85
N LEU A 179 -15.50 15.44 23.22
CA LEU A 179 -14.94 16.80 23.16
C LEU A 179 -13.79 17.01 24.15
N ALA A 180 -13.89 16.43 25.35
CA ALA A 180 -12.82 16.45 26.35
C ALA A 180 -11.60 15.71 25.76
N MET A 181 -11.85 14.58 25.07
CA MET A 181 -10.92 13.67 24.38
C MET A 181 -10.18 14.41 23.29
N ARG A 182 -10.88 15.34 22.59
CA ARG A 182 -10.37 16.18 21.51
C ARG A 182 -9.34 17.15 22.07
N ASP A 183 -9.70 17.84 23.16
CA ASP A 183 -8.87 18.85 23.81
C ASP A 183 -7.57 18.31 24.42
N GLU A 184 -7.58 17.03 24.88
CA GLU A 184 -6.42 16.32 25.44
C GLU A 184 -5.39 16.06 24.33
N GLN A 185 -5.90 15.88 23.10
CA GLN A 185 -5.15 15.53 21.89
C GLN A 185 -4.81 16.73 21.00
N SER A 186 -5.02 17.95 21.52
CA SER A 186 -4.75 19.18 20.78
C SER A 186 -3.25 19.45 20.68
N ASN A 187 -2.84 20.05 19.54
CA ASN A 187 -1.48 20.49 19.26
C ASN A 187 -1.17 21.65 20.23
N PRO A 188 0.10 21.91 20.67
CA PRO A 188 0.32 23.04 21.59
C PRO A 188 0.31 24.39 20.84
N ALA A 189 0.31 25.52 21.59
CA ALA A 189 0.29 26.86 21.02
C ALA A 189 1.52 27.68 21.43
N SER A 211 13.73 33.84 -22.98
CA SER A 211 12.80 32.73 -23.09
C SER A 211 13.49 31.48 -23.58
N LEU A 212 13.04 30.32 -23.07
CA LEU A 212 13.54 28.98 -23.42
C LEU A 212 13.31 28.65 -24.90
N TRP A 213 12.09 28.98 -25.42
CA TRP A 213 11.62 28.73 -26.79
C TRP A 213 12.40 29.44 -27.92
N SER A 214 13.25 30.42 -27.58
CA SER A 214 14.08 31.13 -28.56
C SER A 214 15.40 30.40 -28.78
N LEU A 215 15.82 29.59 -27.80
CA LEU A 215 17.08 28.82 -27.83
C LEU A 215 17.00 27.55 -28.70
N GLU A 216 17.35 27.65 -30.01
CA GLU A 216 17.35 26.53 -30.96
C GLU A 216 18.66 25.70 -30.89
N GLN A 217 19.68 26.16 -30.13
CA GLN A 217 20.98 25.49 -29.97
C GLN A 217 20.80 24.07 -29.46
N PRO A 218 21.58 23.07 -29.95
CA PRO A 218 21.38 21.69 -29.46
C PRO A 218 21.79 21.52 -28.00
N PHE A 219 21.16 20.58 -27.28
CA PHE A 219 21.48 20.34 -25.89
C PHE A 219 22.90 19.77 -25.80
N SER A 220 23.75 20.47 -25.06
CA SER A 220 25.16 20.10 -24.88
C SER A 220 25.58 20.21 -23.42
N ILE A 221 26.58 19.41 -23.05
CA ILE A 221 27.16 19.34 -21.71
C ILE A 221 28.65 19.01 -21.86
N GLU A 222 29.38 19.04 -20.73
CA GLU A 222 30.78 18.67 -20.67
C GLU A 222 30.94 17.56 -19.62
N LEU A 223 31.47 16.41 -20.07
CA LEU A 223 31.80 15.30 -19.19
C LEU A 223 33.26 15.58 -18.78
N ILE A 224 33.44 16.20 -17.59
CA ILE A 224 34.76 16.60 -17.09
C ILE A 224 35.54 15.37 -16.59
N GLU A 225 35.23 14.90 -15.38
CA GLU A 225 35.95 13.78 -14.78
C GLU A 225 35.09 12.88 -13.88
N GLY A 226 35.65 11.71 -13.59
CA GLY A 226 35.13 10.69 -12.70
C GLY A 226 36.04 10.64 -11.49
N ARG A 227 35.49 10.26 -10.31
CA ARG A 227 36.25 10.20 -9.05
C ARG A 227 35.79 8.99 -8.24
N LYS A 228 36.73 8.33 -7.52
CA LYS A 228 36.47 7.14 -6.67
C LYS A 228 35.91 5.94 -7.46
N VAL A 229 36.31 5.82 -8.73
CA VAL A 229 35.91 4.75 -9.66
C VAL A 229 36.75 3.48 -9.34
N ASN A 230 36.05 2.36 -9.09
CA ASN A 230 36.66 1.06 -8.82
C ASN A 230 36.20 0.10 -9.92
N ALA A 231 37.17 -0.46 -10.68
CA ALA A 231 36.92 -1.40 -11.79
C ALA A 231 38.23 -2.04 -12.26
N ASP A 232 38.14 -3.08 -13.13
CA ASP A 232 39.26 -3.83 -13.70
C ASP A 232 40.12 -2.92 -14.57
N GLU A 233 41.45 -2.87 -14.28
CA GLU A 233 42.42 -2.03 -14.98
C GLU A 233 42.78 -2.51 -16.41
N ARG A 234 42.39 -3.76 -16.74
CA ARG A 234 42.58 -4.40 -18.06
C ARG A 234 41.58 -3.76 -19.07
N MET A 235 40.40 -3.39 -18.56
CA MET A 235 39.28 -2.79 -19.29
C MET A 235 39.43 -1.26 -19.48
N LYS A 236 38.50 -0.63 -20.25
CA LYS A 236 38.45 0.81 -20.49
C LYS A 236 37.13 1.39 -19.96
N LEU A 237 37.10 2.70 -19.67
CA LEU A 237 35.89 3.38 -19.15
C LEU A 237 35.17 4.24 -20.19
N VAL A 238 33.83 4.26 -20.09
CA VAL A 238 32.90 5.01 -20.96
C VAL A 238 31.72 5.55 -20.12
N VAL A 239 31.13 6.67 -20.56
CA VAL A 239 29.95 7.27 -19.94
C VAL A 239 28.88 7.40 -21.00
N GLN A 240 27.70 6.80 -20.73
CA GLN A 240 26.54 6.86 -21.62
C GLN A 240 25.59 7.85 -21.01
N ALA A 241 25.14 8.82 -21.81
CA ALA A 241 24.20 9.85 -21.39
C ALA A 241 22.99 9.91 -22.35
N GLY A 242 21.81 9.94 -21.77
CA GLY A 242 20.57 9.99 -22.54
C GLY A 242 19.56 10.93 -21.91
N LEU A 243 18.75 11.60 -22.74
CA LEU A 243 17.73 12.54 -22.31
C LEU A 243 16.40 11.87 -22.31
N PHE A 244 15.76 11.85 -21.14
CA PHE A 244 14.48 11.18 -20.94
C PHE A 244 13.36 12.03 -20.40
N HIS A 245 12.14 11.70 -20.83
CA HIS A 245 10.89 12.22 -20.30
C HIS A 245 10.18 10.94 -19.85
N GLY A 246 10.44 10.56 -18.60
CA GLY A 246 9.93 9.32 -18.04
C GLY A 246 10.78 8.16 -18.54
N ASN A 247 10.16 7.29 -19.37
CA ASN A 247 10.84 6.14 -19.99
C ASN A 247 11.24 6.51 -21.42
N GLU A 248 10.29 7.15 -22.16
CA GLU A 248 10.47 7.56 -23.54
C GLU A 248 11.73 8.46 -23.72
N MET A 249 12.61 8.10 -24.67
CA MET A 249 13.83 8.87 -24.96
C MET A 249 13.44 10.15 -25.67
N LEU A 250 14.10 11.26 -25.35
CA LEU A 250 13.85 12.56 -25.96
C LEU A 250 14.66 12.72 -27.27
N CYS A 251 15.71 11.89 -27.43
CA CYS A 251 16.66 11.77 -28.55
C CYS A 251 17.54 10.52 -28.35
N LYS A 252 18.46 10.26 -29.31
CA LYS A 252 19.41 9.14 -29.31
C LYS A 252 20.37 9.28 -28.12
N THR A 253 20.74 8.16 -27.48
CA THR A 253 21.69 8.19 -26.37
C THR A 253 23.09 8.49 -26.93
N VAL A 254 23.92 9.22 -26.17
CA VAL A 254 25.26 9.58 -26.62
C VAL A 254 26.31 8.97 -25.68
N SER A 255 27.37 8.40 -26.25
CA SER A 255 28.44 7.78 -25.46
C SER A 255 29.74 8.56 -25.59
N SER A 256 30.59 8.45 -24.56
CA SER A 256 31.88 9.12 -24.53
C SER A 256 32.92 8.26 -25.27
N SER A 257 34.21 8.65 -25.18
CA SER A 257 35.28 7.85 -25.76
C SER A 257 35.83 6.92 -24.66
N GLU A 258 36.59 5.89 -25.08
CA GLU A 258 37.17 4.90 -24.19
C GLU A 258 38.50 5.38 -23.58
N VAL A 259 38.45 5.79 -22.28
CA VAL A 259 39.61 6.21 -21.48
C VAL A 259 40.08 5.03 -20.62
N ASN A 260 41.34 5.04 -20.14
CA ASN A 260 41.85 3.96 -19.30
C ASN A 260 41.26 3.97 -17.91
N VAL A 261 40.90 2.76 -17.41
CA VAL A 261 40.34 2.54 -16.07
C VAL A 261 41.36 2.96 -15.00
N CYS A 262 40.90 3.82 -14.08
CA CYS A 262 41.59 4.35 -12.89
C CYS A 262 40.58 5.06 -11.97
N SER A 263 41.02 5.42 -10.74
CA SER A 263 40.21 6.10 -9.72
C SER A 263 39.62 7.44 -10.20
N GLU A 264 40.43 8.26 -10.90
CA GLU A 264 40.05 9.59 -11.43
C GLU A 264 40.09 9.70 -12.97
N PRO A 265 39.18 9.08 -13.76
CA PRO A 265 39.26 9.24 -15.22
C PRO A 265 38.90 10.65 -15.71
N VAL A 266 39.80 11.29 -16.45
CA VAL A 266 39.61 12.65 -16.95
C VAL A 266 39.23 12.68 -18.45
N TRP A 267 37.96 13.00 -18.75
CA TRP A 267 37.48 13.10 -20.12
C TRP A 267 37.64 14.51 -20.65
N LYS A 268 36.93 15.49 -20.03
CA LYS A 268 36.90 16.92 -20.41
C LYS A 268 36.43 17.09 -21.88
N GLN A 269 35.34 16.35 -22.24
CA GLN A 269 34.76 16.34 -23.58
C GLN A 269 33.28 16.77 -23.64
N ARG A 270 32.83 17.18 -24.83
CA ARG A 270 31.46 17.63 -25.09
C ARG A 270 30.57 16.53 -25.61
N LEU A 271 29.33 16.50 -25.09
CA LEU A 271 28.32 15.54 -25.53
C LEU A 271 27.11 16.33 -26.01
N GLU A 272 26.91 16.38 -27.33
CA GLU A 272 25.80 17.11 -27.94
C GLU A 272 24.69 16.12 -28.28
N PHE A 273 23.44 16.49 -27.96
CA PHE A 273 22.25 15.67 -28.17
C PHE A 273 21.42 16.22 -29.31
N ASP A 274 20.83 15.34 -30.13
CA ASP A 274 19.97 15.75 -31.25
C ASP A 274 18.56 16.15 -30.73
N ILE A 275 18.53 17.29 -30.02
CA ILE A 275 17.37 18.00 -29.44
C ILE A 275 17.81 19.43 -29.09
N SER A 276 17.01 20.42 -29.49
CA SER A 276 17.30 21.82 -29.21
C SER A 276 16.90 22.15 -27.78
N VAL A 277 17.53 23.17 -27.18
CA VAL A 277 17.25 23.61 -25.80
C VAL A 277 15.75 24.01 -25.65
N CYS A 278 15.17 24.62 -26.70
CA CYS A 278 13.75 25.04 -26.74
C CYS A 278 12.75 23.88 -26.54
N ASP A 279 13.11 22.68 -27.05
CA ASP A 279 12.27 21.49 -27.04
C ASP A 279 12.32 20.67 -25.76
N LEU A 280 13.10 21.13 -24.79
CA LEU A 280 13.23 20.44 -23.50
C LEU A 280 11.91 20.55 -22.73
N PRO A 281 11.24 19.41 -22.42
CA PRO A 281 10.00 19.51 -21.61
C PRO A 281 10.38 19.86 -20.17
N ARG A 282 9.41 20.35 -19.38
CA ARG A 282 9.64 20.78 -18.00
C ARG A 282 10.27 19.67 -17.13
N MET A 283 9.79 18.43 -17.31
CA MET A 283 10.23 17.25 -16.55
C MET A 283 11.32 16.43 -17.25
N ALA A 284 12.19 17.11 -18.02
CA ALA A 284 13.29 16.46 -18.73
C ALA A 284 14.36 16.05 -17.74
N ARG A 285 14.95 14.87 -17.95
CA ARG A 285 16.00 14.37 -17.05
C ARG A 285 17.19 13.75 -17.80
N LEU A 286 18.40 14.21 -17.44
CA LEU A 286 19.66 13.73 -18.02
C LEU A 286 20.09 12.50 -17.24
N CYS A 287 20.26 11.37 -17.95
CA CYS A 287 20.61 10.08 -17.35
C CYS A 287 22.01 9.61 -17.72
N PHE A 288 22.81 9.21 -16.71
CA PHE A 288 24.21 8.75 -16.88
C PHE A 288 24.46 7.33 -16.42
N ALA A 289 25.41 6.67 -17.12
CA ALA A 289 25.86 5.31 -16.83
C ALA A 289 27.34 5.16 -17.13
N LEU A 290 28.11 4.89 -16.08
CA LEU A 290 29.54 4.68 -16.13
C LEU A 290 29.77 3.16 -16.16
N TYR A 291 30.50 2.69 -17.17
CA TYR A 291 30.76 1.26 -17.30
C TYR A 291 32.15 0.95 -17.82
N ALA A 292 32.56 -0.32 -17.65
CA ALA A 292 33.86 -0.83 -18.09
C ALA A 292 33.67 -1.78 -19.28
N VAL A 293 34.35 -1.48 -20.40
CA VAL A 293 34.29 -2.28 -21.63
C VAL A 293 35.66 -2.89 -21.99
N VAL A 294 35.66 -3.93 -22.85
CA VAL A 294 36.87 -4.61 -23.31
C VAL A 294 37.48 -3.85 -24.50
N ASP A 311 31.44 -6.22 -21.17
CA ASP A 311 30.35 -5.33 -20.79
C ASP A 311 30.05 -5.44 -19.29
N CYS A 312 30.59 -4.51 -18.48
CA CYS A 312 30.32 -4.52 -17.04
C CYS A 312 29.95 -3.13 -16.50
N PRO A 313 28.71 -2.97 -15.98
CA PRO A 313 28.32 -1.65 -15.45
C PRO A 313 28.83 -1.42 -14.02
N ILE A 314 29.20 -0.16 -13.75
CA ILE A 314 29.75 0.27 -12.46
C ILE A 314 28.70 1.05 -11.68
N ALA A 315 28.30 2.21 -12.21
CA ALA A 315 27.37 3.09 -11.54
C ALA A 315 26.42 3.84 -12.48
N TRP A 316 25.36 4.42 -11.88
CA TRP A 316 24.33 5.22 -12.53
C TRP A 316 24.02 6.48 -11.70
N ALA A 317 23.61 7.58 -12.38
CA ALA A 317 23.20 8.85 -11.77
C ALA A 317 22.35 9.65 -12.78
N ASN A 318 21.28 10.32 -12.34
CA ASN A 318 20.41 11.15 -13.18
C ASN A 318 20.15 12.44 -12.46
N LEU A 319 19.67 13.45 -13.18
CA LEU A 319 19.30 14.76 -12.65
C LEU A 319 18.23 15.45 -13.51
N MET A 320 17.45 16.31 -12.86
CA MET A 320 16.47 17.14 -13.54
C MET A 320 17.24 18.31 -14.15
N LEU A 321 16.83 18.79 -15.32
CA LEU A 321 17.51 19.91 -16.00
C LEU A 321 17.02 21.24 -15.46
N PHE A 322 15.77 21.28 -14.98
CA PHE A 322 15.14 22.46 -14.39
C PHE A 322 15.05 22.18 -12.89
N ASP A 323 15.35 23.18 -12.05
CA ASP A 323 15.29 22.99 -10.61
C ASP A 323 13.83 23.08 -10.11
N TYR A 324 13.60 22.98 -8.78
CA TYR A 324 12.25 23.04 -8.20
C TYR A 324 11.53 24.41 -8.40
N LYS A 325 12.30 25.46 -8.76
CA LYS A 325 11.81 26.81 -9.02
C LYS A 325 11.75 27.13 -10.53
N ASP A 326 11.78 26.06 -11.36
CA ASP A 326 11.64 26.04 -12.84
C ASP A 326 12.81 26.66 -13.63
N GLN A 327 13.95 26.98 -12.97
CA GLN A 327 15.15 27.54 -13.62
C GLN A 327 15.99 26.44 -14.26
N LEU A 328 16.45 26.66 -15.52
CA LEU A 328 17.30 25.71 -16.23
C LEU A 328 18.63 25.75 -15.53
N LYS A 329 19.16 24.58 -15.19
CA LYS A 329 20.39 24.48 -14.39
C LYS A 329 21.67 24.81 -15.16
N THR A 330 22.56 25.60 -14.54
CA THR A 330 23.87 25.96 -15.10
C THR A 330 24.95 25.87 -14.03
N GLY A 331 26.20 25.74 -14.46
CA GLY A 331 27.36 25.62 -13.60
C GLY A 331 27.90 24.22 -13.46
N GLU A 332 28.78 24.01 -12.50
CA GLU A 332 29.39 22.72 -12.25
C GLU A 332 28.53 21.91 -11.26
N ARG A 333 28.19 20.67 -11.65
CA ARG A 333 27.39 19.77 -10.83
C ARG A 333 28.15 18.47 -10.56
N CYS A 334 28.21 18.07 -9.27
CA CYS A 334 28.86 16.82 -8.89
C CYS A 334 27.77 15.80 -8.67
N LEU A 335 27.81 14.70 -9.44
CA LEU A 335 26.80 13.65 -9.37
C LEU A 335 27.32 12.44 -8.59
N TYR A 336 26.98 12.36 -7.29
CA TYR A 336 27.38 11.25 -6.44
C TYR A 336 26.56 10.04 -6.90
N MET A 337 27.24 9.16 -7.63
CA MET A 337 26.68 8.00 -8.30
C MET A 337 26.26 6.84 -7.43
N TRP A 338 25.26 6.10 -7.91
CA TRP A 338 24.69 4.92 -7.28
C TRP A 338 25.23 3.66 -7.94
N PRO A 339 25.47 2.58 -7.17
CA PRO A 339 25.99 1.34 -7.78
C PRO A 339 24.98 0.65 -8.69
N SER A 340 25.48 0.16 -9.85
CA SER A 340 24.66 -0.58 -10.82
C SER A 340 24.76 -2.06 -10.50
N VAL A 341 23.63 -2.80 -10.68
CA VAL A 341 23.59 -4.23 -10.39
C VAL A 341 23.58 -5.05 -11.69
N LEU A 348 22.23 1.05 -21.32
CA LEU A 348 22.54 0.72 -19.91
C LEU A 348 21.93 1.71 -18.92
N LEU A 349 21.22 2.75 -19.43
CA LEU A 349 20.62 3.82 -18.64
C LEU A 349 19.43 3.38 -17.78
N ASN A 350 19.26 4.07 -16.64
CA ASN A 350 18.19 3.83 -15.68
C ASN A 350 17.36 5.11 -15.47
N PRO A 351 16.49 5.51 -16.44
CA PRO A 351 15.70 6.74 -16.25
C PRO A 351 14.78 6.73 -15.03
N ALA A 352 14.18 5.57 -14.68
CA ALA A 352 13.27 5.45 -13.53
C ALA A 352 13.92 5.78 -12.16
N GLY A 353 15.23 5.54 -12.04
CA GLY A 353 16.02 5.83 -10.86
C GLY A 353 15.96 7.28 -10.39
N THR A 354 16.10 7.50 -9.07
CA THR A 354 16.06 8.80 -8.40
C THR A 354 17.00 9.84 -9.04
N VAL A 355 16.61 11.11 -8.95
CA VAL A 355 17.30 12.28 -9.49
C VAL A 355 18.11 13.03 -8.44
N ARG A 356 18.22 12.46 -7.25
CA ARG A 356 19.00 12.99 -6.13
C ARG A 356 20.23 12.09 -5.98
N GLY A 357 21.35 12.70 -5.55
CA GLY A 357 22.64 12.03 -5.40
C GLY A 357 22.71 11.02 -4.28
N ASN A 358 23.68 10.09 -4.37
CA ASN A 358 23.99 9.05 -3.37
C ASN A 358 24.55 9.70 -2.06
N PRO A 359 23.78 9.69 -0.93
CA PRO A 359 24.27 10.33 0.32
C PRO A 359 25.67 9.93 0.81
N ASN A 360 26.10 8.69 0.54
CA ASN A 360 27.42 8.22 0.95
C ASN A 360 28.50 8.85 0.05
N THR A 361 28.81 10.13 0.29
CA THR A 361 29.77 10.95 -0.45
C THR A 361 31.23 10.43 -0.36
N GLU A 362 31.61 9.89 0.81
CA GLU A 362 32.92 9.32 1.10
C GLU A 362 33.24 8.09 0.24
N SER A 363 32.37 7.07 0.22
CA SER A 363 32.56 5.83 -0.54
C SER A 363 32.18 5.94 -2.05
N ALA A 364 31.05 6.61 -2.39
CA ALA A 364 30.49 6.75 -3.75
C ALA A 364 31.42 7.36 -4.81
N ALA A 365 31.20 6.91 -6.06
CA ALA A 365 31.89 7.39 -7.24
C ALA A 365 31.22 8.70 -7.68
N ALA A 366 31.99 9.70 -8.09
CA ALA A 366 31.42 10.99 -8.49
C ALA A 366 31.68 11.28 -9.95
N LEU A 367 30.73 11.96 -10.59
CA LEU A 367 30.86 12.37 -11.97
C LEU A 367 30.65 13.86 -12.00
N VAL A 368 31.72 14.60 -12.30
CA VAL A 368 31.70 16.05 -12.38
C VAL A 368 31.36 16.44 -13.81
N ILE A 369 30.25 17.19 -13.95
CA ILE A 369 29.74 17.67 -15.23
C ILE A 369 29.57 19.20 -15.22
N TYR A 370 29.69 19.83 -16.38
CA TYR A 370 29.45 21.27 -16.49
C TYR A 370 28.21 21.48 -17.35
N LEU A 371 27.22 22.18 -16.80
CA LEU A 371 25.98 22.52 -17.51
C LEU A 371 26.20 23.90 -18.08
N PRO A 372 26.46 24.01 -19.41
CA PRO A 372 26.81 25.31 -19.99
C PRO A 372 25.74 26.39 -19.92
N GLU A 373 26.19 27.65 -19.92
CA GLU A 373 25.38 28.85 -19.85
C GLU A 373 24.82 29.11 -21.24
N VAL A 374 23.50 28.93 -21.35
CA VAL A 374 22.69 29.03 -22.58
C VAL A 374 22.31 30.46 -22.98
N ALA A 375 22.13 31.36 -21.99
CA ALA A 375 21.71 32.75 -22.18
C ALA A 375 22.40 33.68 -21.15
N PRO A 376 22.48 35.03 -21.39
CA PRO A 376 23.16 35.90 -20.41
C PRO A 376 22.39 36.10 -19.10
N HIS A 377 21.06 35.89 -19.13
CA HIS A 377 20.14 36.02 -17.99
C HIS A 377 19.66 34.62 -17.52
N PRO A 378 19.01 34.46 -16.34
CA PRO A 378 18.50 33.12 -15.97
C PRO A 378 17.28 32.76 -16.82
N VAL A 379 17.19 31.48 -17.25
CA VAL A 379 16.09 30.96 -18.08
C VAL A 379 15.20 30.04 -17.25
N TYR A 380 13.91 30.38 -17.18
CA TYR A 380 12.90 29.62 -16.47
C TYR A 380 11.98 28.95 -17.49
N PHE A 381 11.33 27.86 -17.11
CA PHE A 381 10.40 27.18 -18.00
C PHE A 381 9.18 28.10 -18.17
N PRO A 382 8.60 28.22 -19.39
CA PRO A 382 7.42 29.09 -19.54
C PRO A 382 6.30 28.74 -18.57
N ALA A 383 5.58 29.76 -18.07
CA ALA A 383 4.44 29.61 -17.17
C ALA A 383 3.25 29.06 -18.00
N LEU A 384 2.28 28.39 -17.34
CA LEU A 384 1.09 27.80 -17.99
C LEU A 384 0.37 28.78 -18.93
N GLU A 385 0.29 30.07 -18.55
CA GLU A 385 -0.25 31.22 -19.30
C GLU A 385 0.42 31.36 -20.69
N LYS A 386 1.76 31.18 -20.76
CA LYS A 386 2.51 31.26 -22.03
C LYS A 386 2.25 29.99 -22.86
N ILE A 387 2.06 28.81 -22.18
CA ILE A 387 1.83 27.48 -22.76
C ILE A 387 0.44 27.36 -23.39
N LEU A 388 -0.60 27.76 -22.64
CA LEU A 388 -2.01 27.69 -23.04
C LEU A 388 -2.30 28.71 -24.11
N GLU A 389 -1.38 29.67 -24.29
CA GLU A 389 -1.41 30.72 -25.30
C GLU A 389 -0.97 30.07 -26.61
N LEU A 390 0.20 29.41 -26.61
CA LEU A 390 0.83 28.73 -27.74
C LEU A 390 0.06 27.49 -28.22
N GLY A 391 -0.62 26.83 -27.28
CA GLY A 391 -1.38 25.61 -27.54
C GLY A 391 -2.80 25.84 -27.99
N ARG A 392 -3.31 27.09 -27.79
CA ARG A 392 -4.66 27.55 -28.14
C ARG A 392 -4.91 27.51 -29.64
N HIS A 393 -3.91 27.94 -30.41
CA HIS A 393 -3.96 28.02 -31.85
C HIS A 393 -3.46 26.70 -32.47
N GLY A 394 -4.34 26.09 -33.27
CA GLY A 394 -4.06 24.83 -33.94
C GLY A 394 -5.06 24.49 -35.04
N GLU A 395 -5.23 23.17 -35.30
CA GLU A 395 -6.15 22.63 -36.30
C GLU A 395 -6.78 21.33 -35.81
N ARG A 398 -11.28 19.60 -39.54
CA ARG A 398 -11.77 18.68 -40.56
C ARG A 398 -11.35 17.23 -40.27
N ILE A 399 -12.26 16.27 -40.58
CA ILE A 399 -12.09 14.83 -40.41
C ILE A 399 -13.07 14.08 -41.31
N THR A 400 -12.69 12.88 -41.77
CA THR A 400 -13.55 12.04 -42.61
C THR A 400 -14.31 10.99 -41.78
N GLU A 401 -15.44 10.50 -42.34
CA GLU A 401 -16.35 9.52 -41.72
C GLU A 401 -15.67 8.16 -41.46
N GLU A 402 -14.81 7.70 -42.38
CA GLU A 402 -14.10 6.42 -42.27
C GLU A 402 -12.98 6.47 -41.23
N GLU A 403 -12.25 7.61 -41.17
CA GLU A 403 -11.16 7.83 -40.20
C GLU A 403 -11.76 8.12 -38.80
N GLN A 404 -13.08 8.40 -38.74
CA GLN A 404 -13.87 8.63 -37.52
C GLN A 404 -14.25 7.27 -36.91
N LEU A 405 -14.33 6.21 -37.75
CA LEU A 405 -14.64 4.84 -37.36
C LEU A 405 -13.35 4.09 -37.01
N GLN A 406 -12.25 4.39 -37.73
CA GLN A 406 -10.91 3.83 -37.50
C GLN A 406 -10.45 4.24 -36.10
N LEU A 407 -10.79 5.50 -35.70
CA LEU A 407 -10.49 6.08 -34.40
C LEU A 407 -11.32 5.43 -33.28
N ARG A 408 -12.66 5.24 -33.50
CA ARG A 408 -13.60 4.61 -32.55
C ARG A 408 -13.18 3.15 -32.23
N GLU A 409 -12.36 2.55 -33.12
CA GLU A 409 -11.85 1.18 -33.04
C GLU A 409 -10.54 1.09 -32.23
N ILE A 410 -9.66 2.09 -32.40
CA ILE A 410 -8.35 2.11 -31.75
C ILE A 410 -8.37 2.91 -30.43
N LEU A 411 -9.57 3.33 -29.96
CA LEU A 411 -9.77 4.02 -28.68
C LEU A 411 -10.70 3.20 -27.78
N GLU A 412 -11.06 1.98 -28.22
CA GLU A 412 -11.94 1.07 -27.48
C GLU A 412 -11.16 -0.07 -26.83
N GLY A 417 -2.26 -1.85 -24.63
CA GLY A 417 -2.86 -1.61 -25.93
C GLY A 417 -2.02 -0.76 -26.87
N GLU A 418 -0.88 -1.31 -27.33
CA GLU A 418 0.09 -0.65 -28.24
C GLU A 418 -0.49 -0.47 -29.66
N LEU A 419 -0.03 0.60 -30.36
CA LEU A 419 -0.46 0.99 -31.72
C LEU A 419 0.70 1.04 -32.71
N TYR A 420 0.36 1.06 -34.02
CA TYR A 420 1.29 1.19 -35.15
C TYR A 420 1.57 2.69 -35.34
N GLU A 421 2.68 3.04 -36.01
CA GLU A 421 3.10 4.44 -36.21
C GLU A 421 2.09 5.34 -36.93
N HIS A 422 1.36 4.83 -37.94
CA HIS A 422 0.38 5.62 -38.72
C HIS A 422 -0.89 5.97 -37.91
N GLU A 423 -1.24 5.12 -36.92
CA GLU A 423 -2.37 5.29 -36.02
C GLU A 423 -2.12 6.39 -35.01
N LYS A 424 -0.83 6.64 -34.70
CA LYS A 424 -0.41 7.70 -33.78
C LYS A 424 -0.71 9.04 -34.45
N ASP A 425 -0.43 9.13 -35.76
CA ASP A 425 -0.69 10.29 -36.61
C ASP A 425 -2.19 10.55 -36.75
N LEU A 426 -3.04 9.49 -36.55
CA LEU A 426 -4.51 9.56 -36.57
C LEU A 426 -5.08 9.93 -35.20
N VAL A 427 -4.57 9.33 -34.11
CA VAL A 427 -5.01 9.66 -32.75
C VAL A 427 -4.63 11.12 -32.44
N TRP A 428 -3.45 11.57 -32.94
CA TRP A 428 -2.98 12.95 -32.80
C TRP A 428 -3.84 13.96 -33.55
N LYS A 429 -4.20 13.65 -34.82
CA LYS A 429 -5.05 14.46 -35.68
C LYS A 429 -6.44 14.68 -35.04
N MET A 430 -7.02 13.60 -34.51
CA MET A 430 -8.33 13.55 -33.86
C MET A 430 -8.27 13.84 -32.35
N ARG A 431 -7.28 14.60 -31.88
CA ARG A 431 -7.10 14.93 -30.46
C ARG A 431 -8.31 15.66 -29.86
N HIS A 432 -8.98 16.55 -30.63
CA HIS A 432 -10.17 17.30 -30.17
C HIS A 432 -11.38 16.38 -30.12
N GLU A 433 -11.43 15.39 -31.04
CA GLU A 433 -12.46 14.35 -31.09
C GLU A 433 -12.25 13.37 -29.91
N VAL A 434 -10.98 13.14 -29.49
CA VAL A 434 -10.60 12.29 -28.34
C VAL A 434 -11.13 12.97 -27.06
N GLN A 435 -10.85 14.26 -26.87
CA GLN A 435 -11.30 15.08 -25.75
C GLN A 435 -12.83 15.09 -25.66
N GLU A 436 -13.50 15.39 -26.79
CA GLU A 436 -14.95 15.46 -26.80
C GLU A 436 -15.67 14.09 -26.70
N HIS A 437 -15.30 13.10 -27.52
CA HIS A 437 -16.04 11.83 -27.59
C HIS A 437 -15.51 10.66 -26.78
N PHE A 438 -14.19 10.61 -26.54
CA PHE A 438 -13.55 9.53 -25.78
C PHE A 438 -12.67 10.14 -24.67
N PRO A 439 -13.22 10.94 -23.71
CA PRO A 439 -12.36 11.56 -22.69
C PRO A 439 -11.48 10.59 -21.89
N GLU A 440 -11.93 9.34 -21.71
CA GLU A 440 -11.18 8.32 -20.97
C GLU A 440 -9.92 7.84 -21.74
N ALA A 441 -9.77 8.25 -23.00
CA ALA A 441 -8.65 7.88 -23.85
C ALA A 441 -7.45 8.87 -23.74
N LEU A 442 -7.48 9.78 -22.74
CA LEU A 442 -6.42 10.74 -22.45
C LEU A 442 -5.02 10.11 -22.49
N ALA A 443 -4.81 9.02 -21.72
CA ALA A 443 -3.57 8.26 -21.62
C ALA A 443 -3.02 7.76 -22.95
N ARG A 444 -3.88 7.29 -23.89
CA ARG A 444 -3.39 6.81 -25.19
C ARG A 444 -2.92 7.98 -26.02
N LEU A 445 -3.67 9.12 -25.93
CA LEU A 445 -3.37 10.38 -26.61
C LEU A 445 -2.06 10.96 -26.06
N LEU A 446 -1.89 10.90 -24.71
CA LEU A 446 -0.68 11.38 -24.05
C LEU A 446 0.55 10.57 -24.48
N LEU A 447 0.35 9.29 -24.84
CA LEU A 447 1.43 8.43 -25.31
C LEU A 447 1.72 8.65 -26.82
N VAL A 448 0.81 9.27 -27.59
CA VAL A 448 1.08 9.58 -29.02
C VAL A 448 1.64 11.02 -29.16
N THR A 449 1.71 11.76 -28.04
CA THR A 449 2.25 13.13 -28.01
C THR A 449 3.77 13.05 -28.02
N LYS A 450 4.39 13.90 -28.84
CA LYS A 450 5.82 14.01 -28.99
C LYS A 450 6.28 15.00 -27.93
N TRP A 451 6.82 14.48 -26.83
CA TRP A 451 7.29 15.28 -25.70
C TRP A 451 8.64 15.96 -26.02
N ASN A 452 9.15 15.69 -27.25
CA ASN A 452 10.36 16.28 -27.80
C ASN A 452 10.04 17.49 -28.65
N LYS A 453 8.74 17.77 -28.92
CA LYS A 453 8.33 18.95 -29.69
C LYS A 453 7.54 19.88 -28.77
N HIS A 454 8.14 21.04 -28.41
CA HIS A 454 7.62 22.03 -27.47
C HIS A 454 6.22 22.60 -27.84
N GLU A 455 5.86 22.61 -29.14
CA GLU A 455 4.56 23.11 -29.63
C GLU A 455 3.50 22.01 -29.54
N ASP A 456 3.91 20.73 -29.75
CA ASP A 456 3.04 19.56 -29.63
C ASP A 456 2.60 19.36 -28.19
N VAL A 457 3.50 19.69 -27.22
CA VAL A 457 3.26 19.61 -25.75
C VAL A 457 2.29 20.73 -25.37
N ALA A 458 2.52 21.94 -25.90
CA ALA A 458 1.70 23.14 -25.70
C ALA A 458 0.28 22.82 -26.16
N GLN A 459 0.14 22.16 -27.33
CA GLN A 459 -1.13 21.71 -27.92
C GLN A 459 -1.83 20.72 -26.99
N MET A 460 -1.08 19.70 -26.51
CA MET A 460 -1.58 18.67 -25.57
C MET A 460 -2.08 19.28 -24.26
N LEU A 461 -1.25 20.14 -23.61
CA LEU A 461 -1.57 20.83 -22.36
C LEU A 461 -2.79 21.73 -22.46
N TYR A 462 -3.06 22.29 -23.68
CA TYR A 462 -4.23 23.13 -23.92
C TYR A 462 -5.52 22.30 -23.76
N LEU A 463 -5.47 21.04 -24.23
CA LEU A 463 -6.61 20.10 -24.19
C LEU A 463 -6.77 19.49 -22.81
N LEU A 464 -5.65 19.15 -22.15
CA LEU A 464 -5.67 18.58 -20.82
C LEU A 464 -6.31 19.56 -19.83
N CYS A 465 -6.01 20.85 -19.95
CA CYS A 465 -6.49 21.88 -19.06
C CYS A 465 -7.99 22.18 -19.24
N SER A 466 -8.60 21.67 -20.32
CA SER A 466 -10.03 21.82 -20.61
C SER A 466 -10.71 20.42 -20.47
N TRP A 467 -9.89 19.35 -20.39
CA TRP A 467 -10.29 17.95 -20.26
C TRP A 467 -11.15 17.68 -19.02
N PRO A 468 -12.27 16.92 -19.14
CA PRO A 468 -13.09 16.67 -17.94
C PRO A 468 -12.43 15.70 -16.95
N GLU A 469 -12.85 15.79 -15.66
CA GLU A 469 -12.36 14.95 -14.58
C GLU A 469 -12.73 13.50 -14.84
N LEU A 470 -11.71 12.66 -14.92
CA LEU A 470 -11.81 11.25 -15.24
C LEU A 470 -12.20 10.38 -14.04
N PRO A 471 -12.66 9.11 -14.23
CA PRO A 471 -12.91 8.25 -13.08
C PRO A 471 -11.58 7.82 -12.44
N VAL A 472 -11.63 7.45 -11.16
CA VAL A 472 -10.53 6.99 -10.32
C VAL A 472 -9.62 5.99 -11.05
N LEU A 473 -10.24 5.01 -11.75
CA LEU A 473 -9.51 3.97 -12.45
C LEU A 473 -8.55 4.55 -13.48
N SER A 474 -9.01 5.52 -14.27
CA SER A 474 -8.23 6.20 -15.29
C SER A 474 -7.14 7.06 -14.66
N ALA A 475 -7.46 7.78 -13.56
CA ALA A 475 -6.52 8.63 -12.82
C ALA A 475 -5.37 7.83 -12.23
N LEU A 476 -5.61 6.56 -11.83
CA LEU A 476 -4.60 5.65 -11.28
C LEU A 476 -3.60 5.26 -12.38
N GLU A 477 -4.10 5.10 -13.62
CA GLU A 477 -3.29 4.80 -14.80
C GLU A 477 -2.32 5.95 -15.06
N LEU A 478 -2.79 7.20 -14.86
CA LEU A 478 -2.03 8.43 -15.09
C LEU A 478 -0.94 8.72 -14.05
N LEU A 479 -0.90 7.93 -12.95
CA LEU A 479 0.15 8.07 -11.92
C LEU A 479 1.38 7.27 -12.29
N ASP A 480 1.26 6.48 -13.37
CA ASP A 480 2.34 5.65 -13.88
C ASP A 480 3.49 6.56 -14.30
N PHE A 481 4.74 6.04 -14.22
CA PHE A 481 5.91 6.82 -14.59
C PHE A 481 5.91 7.15 -16.10
N SER A 482 5.17 6.35 -16.91
CA SER A 482 4.92 6.52 -18.36
C SER A 482 4.29 7.88 -18.66
N PHE A 483 3.74 8.56 -17.62
CA PHE A 483 3.15 9.90 -17.72
C PHE A 483 3.89 10.84 -16.76
N PRO A 484 5.15 11.21 -17.10
CA PRO A 484 5.95 12.03 -16.16
C PRO A 484 5.62 13.52 -16.10
N ASP A 485 4.79 14.02 -17.03
CA ASP A 485 4.43 15.43 -17.02
C ASP A 485 3.74 15.81 -15.72
N CYS A 486 4.14 16.96 -15.15
CA CYS A 486 3.64 17.51 -13.89
C CYS A 486 2.19 18.01 -13.98
N TYR A 487 1.80 18.59 -15.16
CA TYR A 487 0.41 19.04 -15.37
C TYR A 487 -0.51 17.85 -15.56
N VAL A 488 0.07 16.70 -15.97
CA VAL A 488 -0.64 15.43 -16.14
C VAL A 488 -0.85 14.82 -14.77
N GLY A 489 0.21 14.83 -13.95
CA GLY A 489 0.20 14.32 -12.57
C GLY A 489 -0.77 15.09 -11.71
N SER A 490 -0.80 16.43 -11.83
CA SER A 490 -1.71 17.32 -11.11
C SER A 490 -3.16 17.07 -11.52
N PHE A 491 -3.41 16.83 -12.83
CA PHE A 491 -4.72 16.51 -13.39
C PHE A 491 -5.23 15.19 -12.79
N ALA A 492 -4.33 14.17 -12.74
CA ALA A 492 -4.59 12.84 -12.21
C ALA A 492 -5.04 12.92 -10.75
N ILE A 493 -4.30 13.70 -9.92
CA ILE A 493 -4.54 13.93 -8.48
C ILE A 493 -5.86 14.64 -8.30
N LYS A 494 -6.17 15.59 -9.22
CA LYS A 494 -7.41 16.37 -9.25
C LYS A 494 -8.60 15.41 -9.47
N SER A 495 -8.40 14.34 -10.27
CA SER A 495 -9.42 13.33 -10.55
C SER A 495 -9.51 12.24 -9.46
N LEU A 496 -8.47 12.12 -8.60
CA LEU A 496 -8.43 11.18 -7.49
C LEU A 496 -9.03 11.77 -6.22
N ARG A 497 -9.16 13.11 -6.12
CA ARG A 497 -9.71 13.80 -4.96
C ARG A 497 -11.06 13.22 -4.52
N LYS A 498 -11.80 12.64 -5.45
CA LYS A 498 -13.11 12.05 -5.24
C LYS A 498 -13.04 10.65 -4.64
N LEU A 499 -11.84 10.22 -4.27
CA LEU A 499 -11.65 8.94 -3.59
C LEU A 499 -12.21 9.13 -2.18
N THR A 500 -12.93 8.15 -1.70
CA THR A 500 -13.45 8.13 -0.35
C THR A 500 -12.27 7.63 0.51
N ASP A 501 -12.30 7.86 1.82
CA ASP A 501 -11.23 7.34 2.69
C ASP A 501 -11.06 5.81 2.59
N ASP A 502 -12.13 5.07 2.37
CA ASP A 502 -12.06 3.61 2.21
C ASP A 502 -11.35 3.21 0.92
N GLU A 503 -11.62 3.92 -0.19
CA GLU A 503 -10.93 3.70 -1.48
C GLU A 503 -9.51 4.15 -1.34
N LEU A 504 -9.31 5.34 -0.76
CA LEU A 504 -7.98 5.88 -0.52
C LEU A 504 -7.07 4.92 0.26
N PHE A 505 -7.58 4.40 1.37
CA PHE A 505 -6.89 3.46 2.25
C PHE A 505 -6.51 2.19 1.49
N GLN A 506 -7.38 1.75 0.58
CA GLN A 506 -7.20 0.56 -0.25
C GLN A 506 -5.99 0.70 -1.21
N TYR A 507 -5.86 1.85 -1.88
CA TYR A 507 -4.81 2.09 -2.88
C TYR A 507 -3.58 2.85 -2.31
N LEU A 508 -3.59 3.19 -1.00
CA LEU A 508 -2.55 3.92 -0.26
C LEU A 508 -1.14 3.35 -0.42
N LEU A 509 -0.99 2.03 -0.42
CA LEU A 509 0.30 1.39 -0.62
C LEU A 509 0.87 1.76 -1.98
N GLN A 510 0.06 1.72 -3.04
CA GLN A 510 0.47 2.07 -4.41
C GLN A 510 0.81 3.55 -4.53
N LEU A 511 0.08 4.42 -3.81
CA LEU A 511 0.34 5.85 -3.85
C LEU A 511 1.65 6.20 -3.15
N VAL A 512 2.05 5.46 -2.08
CA VAL A 512 3.34 5.70 -1.38
C VAL A 512 4.49 5.33 -2.35
N GLN A 513 4.27 4.34 -3.26
CA GLN A 513 5.27 3.92 -4.26
C GLN A 513 5.47 4.95 -5.32
N VAL A 514 4.37 5.57 -5.78
CA VAL A 514 4.32 6.65 -6.77
C VAL A 514 5.22 7.82 -6.27
N LEU A 515 5.23 8.08 -4.93
CA LEU A 515 6.10 9.10 -4.31
C LEU A 515 7.57 8.95 -4.69
N LYS A 516 8.03 7.71 -5.01
CA LYS A 516 9.41 7.39 -5.40
C LYS A 516 9.80 7.81 -6.80
N TYR A 517 8.83 7.91 -7.73
CA TYR A 517 9.01 8.37 -9.11
C TYR A 517 9.05 9.92 -9.17
N GLU A 518 8.64 10.61 -8.10
CA GLU A 518 8.59 12.06 -8.04
C GLU A 518 9.97 12.64 -8.21
N SER A 519 10.05 13.74 -8.95
CA SER A 519 11.30 14.41 -9.27
C SER A 519 11.67 15.51 -8.28
N TYR A 520 10.68 16.01 -7.51
CA TYR A 520 10.84 17.10 -6.54
C TYR A 520 10.18 16.78 -5.23
N LEU A 521 10.63 17.45 -4.15
CA LEU A 521 10.08 17.21 -2.82
C LEU A 521 8.69 17.80 -2.67
N ASP A 522 8.44 19.01 -3.22
CA ASP A 522 7.16 19.70 -3.13
C ASP A 522 6.27 19.32 -4.29
N CYS A 523 5.28 18.48 -4.05
CA CYS A 523 4.39 18.03 -5.11
C CYS A 523 2.95 17.86 -4.63
N GLU A 524 2.01 17.81 -5.60
CA GLU A 524 0.58 17.68 -5.39
C GLU A 524 0.22 16.36 -4.74
N LEU A 525 1.00 15.29 -5.01
CA LEU A 525 0.75 14.00 -4.39
C LEU A 525 1.13 14.00 -2.89
N THR A 526 2.22 14.70 -2.50
CA THR A 526 2.64 14.82 -1.11
C THR A 526 1.60 15.65 -0.40
N LYS A 527 1.16 16.76 -1.04
CA LYS A 527 0.11 17.65 -0.52
C LYS A 527 -1.21 16.88 -0.34
N PHE A 528 -1.57 16.01 -1.34
CA PHE A 528 -2.75 15.16 -1.36
C PHE A 528 -2.70 14.17 -0.23
N LEU A 529 -1.62 13.36 -0.16
CA LEU A 529 -1.44 12.34 0.89
C LEU A 529 -1.33 12.95 2.27
N LEU A 530 -0.73 14.14 2.40
CA LEU A 530 -0.59 14.79 3.71
C LEU A 530 -1.93 15.30 4.25
N GLY A 531 -2.70 16.00 3.38
CA GLY A 531 -4.02 16.53 3.66
C GLY A 531 -5.02 15.47 4.08
N ARG A 532 -4.93 14.29 3.42
CA ARG A 532 -5.80 13.15 3.69
C ARG A 532 -5.43 12.42 4.99
N ALA A 533 -4.12 12.29 5.27
CA ALA A 533 -3.59 11.68 6.51
C ALA A 533 -3.96 12.50 7.73
N LEU A 534 -3.97 13.80 7.64
CA LEU A 534 -4.31 14.71 8.74
C LEU A 534 -5.79 14.88 8.93
N ALA A 535 -6.60 14.44 7.94
CA ALA A 535 -8.06 14.48 7.99
C ALA A 535 -8.65 13.11 8.39
N ASN A 536 -7.82 12.06 8.45
CA ASN A 536 -8.27 10.74 8.86
C ASN A 536 -7.10 10.08 9.58
N ARG A 537 -7.28 9.79 10.88
CA ARG A 537 -6.25 9.24 11.77
C ARG A 537 -5.74 7.86 11.35
N LYS A 538 -6.62 7.00 10.74
CA LYS A 538 -6.23 5.66 10.23
C LYS A 538 -5.34 5.79 8.99
N ILE A 539 -5.62 6.78 8.08
CA ILE A 539 -4.78 7.06 6.91
C ILE A 539 -3.42 7.56 7.37
N GLY A 540 -3.44 8.45 8.38
CA GLY A 540 -2.23 9.02 8.96
C GLY A 540 -1.31 7.98 9.58
N HIS A 541 -1.91 7.02 10.27
CA HIS A 541 -1.25 5.87 10.87
C HIS A 541 -0.45 5.08 9.82
N PHE A 542 -1.12 4.59 8.77
CA PHE A 542 -0.56 3.77 7.70
C PHE A 542 0.35 4.52 6.73
N LEU A 543 0.11 5.85 6.50
CA LEU A 543 1.04 6.66 5.71
C LEU A 543 2.35 6.74 6.48
N PHE A 544 2.27 6.97 7.83
CA PHE A 544 3.44 6.99 8.72
C PHE A 544 4.26 5.70 8.64
N TRP A 545 3.61 4.54 8.77
CA TRP A 545 4.28 3.25 8.76
C TRP A 545 4.84 2.88 7.39
N HIS A 546 4.15 3.19 6.26
CA HIS A 546 4.71 2.87 4.93
C HIS A 546 6.04 3.64 4.66
N LEU A 547 6.09 4.95 5.01
CA LEU A 547 7.28 5.79 4.92
C LEU A 547 8.40 5.35 5.92
N ARG A 548 8.05 5.18 7.23
CA ARG A 548 8.95 4.79 8.31
C ARG A 548 9.69 3.50 8.06
N SER A 549 9.04 2.54 7.39
CA SER A 549 9.63 1.23 7.09
C SER A 549 10.71 1.31 6.02
N GLU A 550 10.69 2.40 5.23
CA GLU A 550 11.64 2.59 4.13
C GLU A 550 12.75 3.58 4.45
N MET A 551 12.93 3.91 5.73
CA MET A 551 13.93 4.87 6.18
C MET A 551 15.39 4.38 6.01
N HIS A 552 15.60 3.04 5.99
CA HIS A 552 16.91 2.39 5.85
C HIS A 552 17.42 2.46 4.39
N VAL A 553 16.56 2.86 3.45
CA VAL A 553 16.83 3.00 2.01
C VAL A 553 17.32 4.45 1.81
N PRO A 554 18.61 4.66 1.44
CA PRO A 554 19.12 6.04 1.30
C PRO A 554 18.51 6.87 0.18
N SER A 555 17.92 6.22 -0.84
CA SER A 555 17.28 6.88 -1.98
C SER A 555 15.94 7.55 -1.64
N VAL A 556 15.24 7.04 -0.60
CA VAL A 556 13.95 7.57 -0.14
C VAL A 556 13.99 8.19 1.27
N ALA A 557 15.09 7.98 2.06
CA ALA A 557 15.18 8.50 3.42
C ALA A 557 14.90 10.00 3.56
N LEU A 558 15.34 10.82 2.60
CA LEU A 558 15.17 12.29 2.64
C LEU A 558 13.74 12.70 2.43
N ARG A 559 13.11 12.20 1.37
CA ARG A 559 11.70 12.50 1.07
C ARG A 559 10.75 11.95 2.17
N PHE A 560 10.86 10.66 2.47
CA PHE A 560 10.03 10.03 3.49
C PHE A 560 10.21 10.67 4.87
N GLY A 561 11.46 10.98 5.25
CA GLY A 561 11.80 11.59 6.52
C GLY A 561 11.20 12.98 6.72
N LEU A 562 11.23 13.81 5.66
CA LEU A 562 10.67 15.16 5.61
C LEU A 562 9.13 15.11 5.62
N ILE A 563 8.52 14.12 4.91
CA ILE A 563 7.07 13.90 4.90
C ILE A 563 6.53 13.60 6.32
N MET A 564 7.18 12.64 7.00
CA MET A 564 6.86 12.23 8.37
C MET A 564 7.06 13.37 9.38
N GLU A 565 8.06 14.23 9.16
CA GLU A 565 8.28 15.41 10.03
C GLU A 565 7.08 16.41 9.91
N ALA A 566 6.59 16.64 8.66
CA ALA A 566 5.46 17.51 8.32
C ALA A 566 4.18 16.99 9.00
N TYR A 567 3.87 15.69 8.84
CA TYR A 567 2.72 15.03 9.47
C TYR A 567 2.68 15.29 10.99
N CYS A 568 3.84 15.06 11.63
CA CYS A 568 4.09 15.24 13.06
C CYS A 568 3.76 16.67 13.52
N ARG A 569 4.10 17.71 12.73
CA ARG A 569 3.77 19.11 13.02
C ARG A 569 2.25 19.35 13.04
N GLY A 570 1.54 18.60 12.20
CA GLY A 570 0.09 18.65 12.09
C GLY A 570 -0.60 17.74 13.09
N SER A 571 0.15 16.78 13.69
CA SER A 571 -0.41 15.83 14.65
C SER A 571 0.56 15.46 15.80
N THR A 572 0.79 16.40 16.73
CA THR A 572 1.68 16.17 17.89
C THR A 572 1.24 14.93 18.71
N HIS A 573 -0.07 14.85 19.04
CA HIS A 573 -0.63 13.72 19.79
C HIS A 573 -0.40 12.35 19.10
N HIS A 574 -0.64 12.26 17.78
CA HIS A 574 -0.41 11.01 17.06
C HIS A 574 1.09 10.65 16.98
N MET A 575 1.98 11.65 17.00
CA MET A 575 3.43 11.41 17.03
C MET A 575 3.76 10.70 18.37
N LYS A 576 3.11 11.13 19.46
CA LYS A 576 3.28 10.51 20.79
C LYS A 576 2.77 9.06 20.80
N VAL A 577 1.63 8.78 20.13
CA VAL A 577 1.04 7.45 19.95
C VAL A 577 1.99 6.55 19.14
N LEU A 578 2.55 7.06 18.00
CA LEU A 578 3.50 6.32 17.14
C LEU A 578 4.84 6.10 17.82
N MET A 579 5.22 7.01 18.72
CA MET A 579 6.43 6.86 19.53
C MET A 579 6.28 5.71 20.48
N LYS A 580 5.14 5.61 21.12
CA LYS A 580 4.82 4.48 21.98
C LYS A 580 4.97 3.13 21.20
N GLN A 581 4.49 3.07 19.91
CA GLN A 581 4.58 1.89 19.01
C GLN A 581 6.01 1.52 18.58
N GLY A 582 6.85 2.52 18.29
CA GLY A 582 8.26 2.32 17.96
C GLY A 582 9.07 1.83 19.14
N GLU A 583 8.69 2.30 20.35
CA GLU A 583 9.25 1.92 21.64
C GLU A 583 8.99 0.43 21.92
N ALA A 584 7.79 -0.09 21.54
CA ALA A 584 7.44 -1.50 21.68
C ALA A 584 8.24 -2.33 20.67
N LEU A 585 8.43 -1.82 19.42
CA LEU A 585 9.17 -2.52 18.35
C LEU A 585 10.66 -2.57 18.58
N SER A 586 11.16 -1.66 19.42
CA SER A 586 12.54 -1.55 19.83
C SER A 586 12.84 -2.71 20.77
N LYS A 587 11.96 -2.92 21.77
CA LYS A 587 12.07 -4.00 22.76
C LYS A 587 11.89 -5.38 22.14
N LEU A 588 11.02 -5.51 21.13
CA LEU A 588 10.82 -6.76 20.41
C LEU A 588 12.09 -7.13 19.63
N LYS A 589 12.75 -6.16 18.95
CA LYS A 589 13.98 -6.41 18.18
C LYS A 589 15.06 -6.93 19.11
N ALA A 590 15.13 -6.36 20.32
CA ALA A 590 16.06 -6.71 21.38
C ALA A 590 15.71 -8.06 22.01
N LEU A 591 14.41 -8.40 22.14
CA LEU A 591 13.95 -9.68 22.68
C LEU A 591 14.16 -10.79 21.65
N ASN A 592 14.12 -10.40 20.35
CA ASN A 592 14.28 -11.33 19.23
C ASN A 592 15.73 -11.72 19.06
N ASP A 593 16.65 -10.75 19.22
CA ASP A 593 18.10 -10.97 19.16
C ASP A 593 18.55 -11.89 20.28
N PHE A 594 17.99 -11.71 21.48
CA PHE A 594 18.28 -12.53 22.63
C PHE A 594 17.84 -13.95 22.35
N VAL A 595 16.59 -14.12 21.85
CA VAL A 595 15.97 -15.39 21.47
C VAL A 595 16.77 -16.10 20.36
N LYS A 596 17.24 -15.34 19.36
CA LYS A 596 18.05 -15.84 18.26
C LYS A 596 19.35 -16.51 18.79
N VAL A 597 19.99 -15.88 19.80
CA VAL A 597 21.22 -16.36 20.43
C VAL A 597 20.91 -17.54 21.36
N SER A 598 20.17 -17.30 22.49
CA SER A 598 19.77 -18.27 23.49
C SER A 598 19.37 -19.66 22.92
N SER A 599 18.52 -19.68 21.88
CA SER A 599 17.99 -20.88 21.21
C SER A 599 19.05 -21.73 20.49
N GLN A 600 20.21 -21.16 20.11
CA GLN A 600 21.26 -21.92 19.42
C GLN A 600 22.18 -22.70 20.37
N LYS A 601 22.03 -22.45 21.68
CA LYS A 601 22.83 -23.04 22.73
C LYS A 601 21.95 -23.90 23.63
N THR A 602 20.78 -23.36 24.03
CA THR A 602 19.84 -24.04 24.91
C THR A 602 18.59 -24.52 24.16
N THR A 603 17.82 -25.42 24.79
CA THR A 603 16.59 -26.00 24.22
C THR A 603 15.46 -24.96 24.17
N LYS A 604 14.45 -25.22 23.31
CA LYS A 604 13.28 -24.35 23.13
C LYS A 604 12.50 -24.13 24.44
N PRO A 605 12.19 -25.13 25.32
CA PRO A 605 11.46 -24.80 26.56
C PRO A 605 12.25 -23.87 27.46
N GLN A 606 13.59 -24.04 27.51
CA GLN A 606 14.48 -23.20 28.31
C GLN A 606 14.54 -21.76 27.78
N THR A 607 14.76 -21.59 26.45
CA THR A 607 14.81 -20.29 25.75
C THR A 607 13.48 -19.53 25.89
N LYS A 608 12.37 -20.27 25.97
CA LYS A 608 11.03 -19.72 26.12
C LYS A 608 10.91 -19.09 27.51
N GLU A 609 11.35 -19.81 28.59
CA GLU A 609 11.33 -19.30 29.97
C GLU A 609 12.24 -18.10 30.19
N MET A 610 13.34 -18.02 29.39
CA MET A 610 14.32 -16.94 29.37
C MET A 610 13.76 -15.71 28.66
N MET A 611 12.90 -15.95 27.66
CA MET A 611 12.21 -14.91 26.89
C MET A 611 11.18 -14.26 27.81
N HIS A 612 10.48 -15.08 28.61
CA HIS A 612 9.45 -14.71 29.59
C HIS A 612 10.01 -13.90 30.76
N MET A 613 11.29 -14.17 31.15
CA MET A 613 12.00 -13.43 32.19
C MET A 613 12.35 -12.05 31.67
N CYS A 614 12.96 -12.02 30.46
CA CYS A 614 13.37 -10.81 29.75
C CYS A 614 12.17 -9.89 29.51
N MET A 615 10.98 -10.46 29.28
CA MET A 615 9.73 -9.73 29.07
C MET A 615 9.19 -9.18 30.34
N ARG A 616 9.46 -9.85 31.47
CA ARG A 616 8.96 -9.49 32.79
C ARG A 616 9.69 -8.29 33.44
N GLN A 617 10.80 -7.81 32.83
CA GLN A 617 11.55 -6.65 33.28
C GLN A 617 10.65 -5.41 33.20
N GLU A 618 10.92 -4.36 34.02
CA GLU A 618 10.13 -3.12 34.05
C GLU A 618 10.05 -2.41 32.71
N THR A 619 11.19 -2.23 32.03
CA THR A 619 11.26 -1.55 30.71
C THR A 619 10.48 -2.28 29.63
N TYR A 620 10.54 -3.62 29.62
CA TYR A 620 9.83 -4.47 28.68
C TYR A 620 8.33 -4.45 28.95
N MET A 621 7.92 -4.65 30.22
CA MET A 621 6.50 -4.64 30.61
C MET A 621 5.81 -3.32 30.26
N GLU A 622 6.49 -2.17 30.49
CA GLU A 622 5.95 -0.85 30.18
C GLU A 622 5.92 -0.57 28.68
N ALA A 623 6.95 -1.00 27.91
CA ALA A 623 7.00 -0.74 26.47
C ALA A 623 6.03 -1.58 25.65
N LEU A 624 5.98 -2.89 25.95
CA LEU A 624 5.13 -3.88 25.26
C LEU A 624 3.66 -3.78 25.57
N SER A 625 3.29 -3.13 26.68
CA SER A 625 1.88 -2.99 27.05
C SER A 625 1.28 -1.64 26.61
N HIS A 626 -0.05 -1.54 26.65
CA HIS A 626 -0.92 -0.39 26.43
C HIS A 626 -0.55 0.48 25.21
N LEU A 627 -0.52 -0.16 24.06
CA LEU A 627 -0.23 0.56 22.82
C LEU A 627 -1.33 0.31 21.75
N GLN A 628 -1.38 1.13 20.71
CA GLN A 628 -2.32 0.89 19.63
C GLN A 628 -1.57 -0.03 18.74
N SER A 629 -2.27 -1.00 18.14
CA SER A 629 -1.60 -1.95 17.26
C SER A 629 -1.16 -1.29 15.95
N PRO A 630 0.14 -1.38 15.56
CA PRO A 630 0.55 -0.85 14.23
C PRO A 630 -0.17 -1.54 13.04
N LEU A 631 -0.74 -2.74 13.29
CA LEU A 631 -1.50 -3.52 12.30
C LEU A 631 -2.95 -3.03 12.20
N ASP A 632 -3.52 -2.57 13.32
CA ASP A 632 -4.85 -2.00 13.34
C ASP A 632 -4.94 -0.97 14.46
N PRO A 633 -4.85 0.37 14.17
CA PRO A 633 -4.98 1.36 15.26
C PRO A 633 -6.29 1.25 16.11
N SER A 634 -7.33 0.56 15.60
CA SER A 634 -8.60 0.32 16.31
C SER A 634 -8.41 -0.70 17.43
N THR A 635 -7.41 -1.59 17.24
CA THR A 635 -7.01 -2.64 18.15
C THR A 635 -6.03 -2.05 19.13
N LEU A 636 -6.38 -2.14 20.41
CA LEU A 636 -5.53 -1.70 21.50
C LEU A 636 -4.84 -2.94 22.05
N LEU A 637 -3.48 -2.94 22.09
CA LEU A 637 -2.69 -4.04 22.62
C LEU A 637 -2.53 -3.73 24.09
N GLU A 638 -3.37 -4.32 24.94
CA GLU A 638 -3.38 -3.91 26.36
C GLU A 638 -2.36 -4.61 27.23
N GLU A 639 -2.77 -5.72 27.86
CA GLU A 639 -1.98 -6.51 28.79
C GLU A 639 -1.35 -7.67 28.06
N VAL A 640 -0.01 -7.66 27.99
CA VAL A 640 0.82 -8.70 27.37
C VAL A 640 0.77 -9.94 28.26
N CYS A 641 0.24 -11.08 27.76
CA CYS A 641 0.15 -12.35 28.51
C CYS A 641 1.43 -13.11 28.26
N VAL A 642 2.42 -12.85 29.13
CA VAL A 642 3.79 -13.36 29.11
C VAL A 642 3.82 -14.89 28.98
N GLU A 643 2.98 -15.62 29.73
CA GLU A 643 3.00 -17.09 29.70
C GLU A 643 2.59 -17.69 28.34
N GLN A 644 1.80 -16.95 27.55
CA GLN A 644 1.29 -17.37 26.25
C GLN A 644 2.25 -17.05 25.09
N CYS A 645 3.21 -16.13 25.31
CA CYS A 645 4.20 -15.75 24.29
C CYS A 645 5.20 -16.88 24.00
N THR A 646 5.70 -16.93 22.77
CA THR A 646 6.65 -17.96 22.31
C THR A 646 7.28 -17.46 21.04
N PHE A 647 7.87 -18.37 20.25
CA PHE A 647 8.55 -18.07 19.00
C PHE A 647 8.57 -19.32 18.16
N MET A 648 8.77 -19.16 16.86
CA MET A 648 8.86 -20.25 15.89
C MET A 648 10.25 -20.78 15.76
N ASP A 649 10.34 -22.03 15.31
CA ASP A 649 11.56 -22.79 15.15
C ASP A 649 12.39 -22.36 13.96
N SER A 650 11.81 -21.60 13.03
CA SER A 650 12.48 -21.11 11.81
C SER A 650 13.75 -20.25 12.05
N LYS A 651 14.50 -20.04 10.96
CA LYS A 651 15.75 -19.30 10.88
C LYS A 651 15.77 -18.01 11.71
N MET A 652 14.73 -17.18 11.55
CA MET A 652 14.62 -15.88 12.19
C MET A 652 14.01 -15.93 13.56
N LYS A 653 13.56 -17.12 14.00
CA LYS A 653 12.92 -17.37 15.30
C LYS A 653 11.87 -16.25 15.58
N PRO A 654 10.84 -16.06 14.69
CA PRO A 654 9.85 -14.98 14.93
C PRO A 654 9.14 -15.12 16.26
N LEU A 655 8.91 -13.99 16.95
CA LEU A 655 8.25 -13.92 18.26
C LEU A 655 6.72 -13.87 18.09
N TRP A 656 5.99 -14.56 18.97
CA TRP A 656 4.55 -14.58 19.03
C TRP A 656 4.21 -14.00 20.38
N ILE A 657 3.77 -12.72 20.36
CA ILE A 657 3.41 -11.92 21.54
C ILE A 657 1.89 -11.89 21.62
N MET A 658 1.37 -12.33 22.78
CA MET A 658 -0.03 -12.44 23.03
C MET A 658 -0.53 -11.36 23.98
N TYR A 659 -1.70 -10.79 23.69
CA TYR A 659 -2.30 -9.72 24.47
C TYR A 659 -3.69 -10.07 24.92
N SER A 660 -4.18 -9.39 25.97
CA SER A 660 -5.53 -9.47 26.53
C SER A 660 -5.99 -8.10 27.05
N SER A 661 -7.31 -7.91 27.13
CA SER A 661 -7.97 -6.69 27.57
C SER A 661 -9.16 -7.03 28.46
N GLU A 662 -9.16 -6.49 29.70
CA GLU A 662 -10.21 -6.63 30.71
C GLU A 662 -11.46 -5.89 30.17
N GLU A 663 -11.25 -4.76 29.48
CA GLU A 663 -12.27 -3.90 28.87
C GLU A 663 -12.95 -4.50 27.67
N ALA A 664 -12.16 -5.10 26.74
CA ALA A 664 -12.62 -5.68 25.49
C ALA A 664 -13.09 -7.17 25.53
N GLY A 665 -12.86 -7.90 26.63
CA GLY A 665 -13.23 -9.32 26.75
C GLY A 665 -12.62 -10.16 25.64
N SER A 666 -13.38 -11.14 25.09
CA SER A 666 -12.98 -12.02 23.98
C SER A 666 -12.24 -11.29 22.85
N ALA A 667 -12.77 -10.13 22.44
CA ALA A 667 -12.26 -9.29 21.36
C ALA A 667 -10.90 -8.63 21.64
N GLY A 668 -10.51 -8.62 22.91
CA GLY A 668 -9.24 -8.08 23.35
C GLY A 668 -8.11 -9.08 23.36
N ASN A 669 -8.41 -10.37 23.13
CA ASN A 669 -7.42 -11.44 23.08
C ASN A 669 -6.87 -11.54 21.66
N VAL A 670 -5.77 -10.86 21.45
CA VAL A 670 -5.09 -10.68 20.18
C VAL A 670 -3.65 -11.18 20.26
N GLY A 671 -3.10 -11.53 19.12
CA GLY A 671 -1.73 -11.99 19.01
C GLY A 671 -1.02 -11.29 17.88
N ILE A 672 0.28 -10.97 18.08
CA ILE A 672 1.09 -10.33 17.03
C ILE A 672 2.33 -11.17 16.81
N ILE A 673 2.82 -11.22 15.57
CA ILE A 673 4.07 -11.94 15.28
C ILE A 673 5.13 -10.87 14.91
N PHE A 674 6.21 -10.77 15.69
CA PHE A 674 7.33 -9.88 15.36
C PHE A 674 8.38 -10.69 14.58
N LYS A 675 8.66 -10.22 13.35
CA LYS A 675 9.58 -10.88 12.42
C LYS A 675 10.74 -9.97 12.06
N ASN A 676 11.96 -10.48 12.25
CA ASN A 676 13.18 -9.76 11.98
C ASN A 676 14.20 -10.68 11.30
N GLY A 677 14.61 -10.27 10.12
CA GLY A 677 15.53 -11.02 9.25
C GLY A 677 14.91 -11.20 7.88
N ASP A 678 13.58 -11.17 7.82
CA ASP A 678 12.81 -11.32 6.59
C ASP A 678 12.16 -10.03 6.20
N ASP A 679 12.06 -9.83 4.88
CA ASP A 679 11.41 -8.72 4.19
C ASP A 679 9.94 -9.11 4.11
N LEU A 680 9.01 -8.29 4.65
CA LEU A 680 7.57 -8.60 4.61
C LEU A 680 6.74 -7.79 3.59
N ARG A 681 7.39 -7.13 2.61
CA ARG A 681 6.72 -6.30 1.61
C ARG A 681 5.83 -7.09 0.62
N GLN A 682 6.28 -8.25 0.13
CA GLN A 682 5.48 -9.07 -0.79
C GLN A 682 4.31 -9.73 -0.10
N ASP A 683 4.44 -10.14 1.17
CA ASP A 683 3.35 -10.74 1.95
C ASP A 683 2.27 -9.73 2.07
N MET A 684 2.63 -8.46 2.44
CA MET A 684 1.71 -7.32 2.59
C MET A 684 1.00 -7.02 1.30
N LEU A 685 1.70 -6.99 0.16
CA LEU A 685 1.10 -6.71 -1.13
C LEU A 685 0.08 -7.79 -1.52
N THR A 686 0.46 -9.08 -1.40
CA THR A 686 -0.44 -10.20 -1.71
C THR A 686 -1.69 -10.16 -0.83
N LEU A 687 -1.50 -9.96 0.47
CA LEU A 687 -2.60 -9.94 1.41
C LEU A 687 -3.61 -8.82 1.15
N GLN A 688 -3.07 -7.67 0.66
CA GLN A 688 -3.81 -6.48 0.25
C GLN A 688 -4.64 -6.77 -1.00
N MET A 689 -4.12 -7.61 -1.91
CA MET A 689 -4.75 -8.03 -3.16
C MET A 689 -5.84 -8.98 -2.85
N ILE A 690 -5.63 -9.92 -1.92
CA ILE A 690 -6.64 -10.88 -1.41
C ILE A 690 -7.81 -10.11 -0.76
N GLN A 691 -7.50 -9.08 0.06
CA GLN A 691 -8.45 -8.15 0.69
C GLN A 691 -9.29 -7.39 -0.39
N LEU A 692 -8.63 -6.96 -1.46
CA LEU A 692 -9.27 -6.25 -2.55
C LEU A 692 -10.27 -7.19 -3.21
N MET A 693 -9.88 -8.46 -3.45
CA MET A 693 -10.74 -9.49 -4.05
C MET A 693 -11.97 -9.64 -3.22
N ASP A 694 -11.81 -9.75 -1.91
CA ASP A 694 -12.87 -9.91 -0.92
C ASP A 694 -13.89 -8.77 -0.99
N VAL A 695 -13.41 -7.50 -0.99
CA VAL A 695 -14.21 -6.28 -1.15
C VAL A 695 -14.95 -6.39 -2.46
N LEU A 696 -14.23 -6.65 -3.58
CA LEU A 696 -14.84 -6.81 -4.92
C LEU A 696 -15.95 -7.81 -4.97
N TRP A 697 -15.73 -8.98 -4.39
CA TRP A 697 -16.72 -10.03 -4.26
C TRP A 697 -17.89 -9.61 -3.36
N LYS A 698 -17.65 -8.96 -2.20
CA LYS A 698 -18.74 -8.54 -1.30
C LYS A 698 -19.69 -7.48 -1.92
N GLN A 699 -19.13 -6.65 -2.81
CA GLN A 699 -19.82 -5.60 -3.57
C GLN A 699 -20.77 -6.20 -4.61
N GLU A 700 -20.51 -7.47 -5.00
CA GLU A 700 -21.33 -8.24 -5.94
C GLU A 700 -22.09 -9.32 -5.19
N GLY A 701 -22.27 -9.10 -3.89
CA GLY A 701 -22.99 -9.97 -2.96
C GLY A 701 -22.42 -11.35 -2.71
N LEU A 702 -21.11 -11.53 -2.95
CA LEU A 702 -20.44 -12.82 -2.70
C LEU A 702 -19.47 -12.75 -1.50
N ASP A 703 -19.78 -13.44 -0.38
CA ASP A 703 -18.88 -13.50 0.78
C ASP A 703 -18.24 -14.89 0.81
N LEU A 704 -16.97 -14.97 0.38
CA LEU A 704 -16.24 -16.22 0.31
C LEU A 704 -15.45 -16.49 1.54
N ARG A 705 -15.84 -15.88 2.68
CA ARG A 705 -15.25 -16.10 4.01
C ARG A 705 -13.68 -16.14 4.01
N MET A 706 -13.10 -15.07 3.47
CA MET A 706 -11.67 -14.86 3.36
C MET A 706 -11.10 -14.36 4.72
N THR A 707 -9.77 -14.47 4.89
CA THR A 707 -9.03 -14.06 6.07
C THR A 707 -7.82 -13.21 5.61
N PRO A 708 -8.03 -11.97 5.11
CA PRO A 708 -6.87 -11.16 4.71
C PRO A 708 -6.33 -10.47 5.98
N TYR A 709 -5.55 -11.23 6.79
CA TYR A 709 -4.97 -10.79 8.06
C TYR A 709 -3.87 -9.72 7.81
N GLY A 710 -3.65 -8.87 8.81
CA GLY A 710 -2.66 -7.81 8.78
C GLY A 710 -1.21 -8.26 8.66
N CYS A 711 -0.45 -7.51 7.92
CA CYS A 711 0.97 -7.74 7.72
C CYS A 711 1.59 -6.39 7.45
N LEU A 712 2.51 -5.94 8.32
CA LEU A 712 3.07 -4.63 8.15
C LEU A 712 4.60 -4.57 8.34
N PRO A 713 5.36 -4.37 7.24
CA PRO A 713 6.81 -4.07 7.39
C PRO A 713 6.88 -2.75 8.19
N THR A 714 7.77 -2.69 9.23
CA THR A 714 7.94 -1.54 10.13
C THR A 714 9.32 -0.87 10.03
N GLY A 715 10.31 -1.61 9.54
CA GLY A 715 11.68 -1.14 9.39
C GLY A 715 12.50 -2.09 8.55
N ASP A 716 13.83 -2.00 8.67
CA ASP A 716 14.78 -2.81 7.92
C ASP A 716 14.63 -4.30 8.21
N ARG A 717 13.99 -5.04 7.23
CA ARG A 717 13.72 -6.50 7.32
C ARG A 717 13.03 -6.78 8.64
N THR A 718 12.04 -5.94 8.99
CA THR A 718 11.30 -5.98 10.26
C THR A 718 9.79 -5.73 10.01
N GLY A 719 8.95 -6.52 10.63
CA GLY A 719 7.51 -6.33 10.52
C GLY A 719 6.70 -7.14 11.47
N LEU A 720 5.40 -6.81 11.53
CA LEU A 720 4.38 -7.48 12.34
C LEU A 720 3.41 -8.19 11.43
N ILE A 721 2.85 -9.30 11.90
CA ILE A 721 1.83 -10.11 11.24
C ILE A 721 0.75 -10.31 12.27
N GLU A 722 -0.50 -10.36 11.83
CA GLU A 722 -1.66 -10.57 12.68
C GLU A 722 -1.86 -12.05 12.85
N VAL A 723 -1.89 -12.50 14.08
CA VAL A 723 -2.09 -13.90 14.41
C VAL A 723 -3.56 -14.21 14.28
N VAL A 724 -3.89 -15.21 13.48
CA VAL A 724 -5.30 -15.59 13.34
C VAL A 724 -5.47 -16.64 14.43
N LEU A 725 -6.21 -16.28 15.48
CA LEU A 725 -6.40 -17.18 16.63
C LEU A 725 -7.37 -18.26 16.30
N HIS A 726 -7.29 -19.35 17.01
CA HIS A 726 -8.18 -20.49 16.80
C HIS A 726 -8.05 -21.06 15.39
N SER A 727 -6.80 -21.19 14.93
CA SER A 727 -6.47 -21.74 13.63
C SER A 727 -5.25 -22.65 13.80
N ASP A 728 -5.02 -23.56 12.86
CA ASP A 728 -3.89 -24.47 12.90
C ASP A 728 -3.48 -24.72 11.45
N THR A 729 -2.34 -25.36 11.21
CA THR A 729 -1.92 -25.63 9.83
C THR A 729 -2.46 -26.99 9.44
N ILE A 730 -2.63 -27.23 8.12
CA ILE A 730 -3.08 -28.53 7.63
C ILE A 730 -2.06 -29.59 8.11
N ALA A 731 -0.77 -29.23 8.12
CA ALA A 731 0.34 -30.05 8.58
C ALA A 731 0.13 -30.61 10.00
N ASN A 732 -0.24 -29.74 10.98
CA ASN A 732 -0.47 -30.14 12.37
C ASN A 732 -1.74 -30.93 12.55
N ILE A 733 -2.78 -30.58 11.80
CA ILE A 733 -4.06 -31.31 11.81
C ILE A 733 -3.81 -32.74 11.27
N GLN A 734 -3.12 -32.83 10.09
CA GLN A 734 -2.74 -34.07 9.40
C GLN A 734 -1.78 -34.95 10.17
N LEU A 735 -0.97 -34.39 11.10
CA LEU A 735 -0.02 -35.19 11.90
C LEU A 735 -0.69 -36.39 12.57
N ASN A 736 -2.04 -36.37 12.68
CA ASN A 736 -2.92 -37.42 13.22
C ASN A 736 -2.41 -37.94 14.58
N LYS A 737 -2.05 -37.00 15.48
CA LYS A 737 -1.52 -37.29 16.81
C LYS A 737 -2.45 -38.21 17.59
N SER A 738 -1.88 -39.19 18.29
CA SER A 738 -2.65 -40.11 19.11
C SER A 738 -3.09 -39.37 20.38
N ASN A 739 -4.19 -39.84 21.03
CA ASN A 739 -4.76 -39.27 22.26
C ASN A 739 -5.33 -37.86 22.01
N MET A 740 -5.93 -37.67 20.83
CA MET A 740 -6.59 -36.45 20.38
C MET A 740 -8.00 -36.84 19.93
N ALA A 741 -8.92 -35.87 19.88
CA ALA A 741 -10.30 -36.09 19.46
C ALA A 741 -10.41 -36.47 17.97
N ALA A 742 -9.66 -35.76 17.09
CA ALA A 742 -9.66 -35.86 15.62
C ALA A 742 -9.04 -37.16 14.96
N THR A 743 -8.37 -38.06 15.74
CA THR A 743 -7.72 -39.30 15.24
C THR A 743 -8.51 -40.06 14.12
N ALA A 744 -7.99 -40.02 12.87
CA ALA A 744 -8.60 -40.60 11.66
C ALA A 744 -8.03 -41.95 11.29
N ALA A 745 -8.87 -42.82 10.72
CA ALA A 745 -8.54 -44.17 10.25
C ALA A 745 -7.75 -44.08 8.94
N PHE A 746 -8.05 -43.04 8.15
CA PHE A 746 -7.47 -42.67 6.86
C PHE A 746 -7.20 -41.18 6.94
N ASN A 747 -5.98 -40.74 6.55
CA ASN A 747 -5.58 -39.34 6.55
C ASN A 747 -6.57 -38.45 5.80
N LYS A 748 -7.32 -39.00 4.82
CA LYS A 748 -8.33 -38.19 4.12
C LYS A 748 -9.38 -37.66 5.08
N ASP A 749 -9.61 -38.34 6.22
CA ASP A 749 -10.59 -37.98 7.25
C ASP A 749 -10.13 -36.97 8.32
N ALA A 750 -8.80 -36.86 8.57
CA ALA A 750 -8.20 -35.98 9.58
C ALA A 750 -8.81 -34.58 9.62
N LEU A 751 -8.78 -33.86 8.48
CA LEU A 751 -9.36 -32.53 8.36
C LEU A 751 -10.85 -32.48 8.73
N LEU A 752 -11.65 -33.43 8.22
CA LEU A 752 -13.09 -33.47 8.51
C LEU A 752 -13.38 -33.86 9.97
N ASN A 753 -12.49 -34.68 10.60
CA ASN A 753 -12.65 -35.13 11.99
C ASN A 753 -12.30 -34.00 12.94
N TRP A 754 -11.35 -33.13 12.53
CA TRP A 754 -10.94 -31.98 13.31
C TRP A 754 -12.05 -30.96 13.24
N LEU A 755 -12.71 -30.84 12.07
CA LEU A 755 -13.83 -29.94 11.87
C LEU A 755 -15.01 -30.40 12.69
N LYS A 756 -15.29 -31.73 12.73
CA LYS A 756 -16.36 -32.34 13.50
C LYS A 756 -16.20 -32.04 15.00
N SER A 757 -14.97 -32.15 15.51
CA SER A 757 -14.63 -31.95 16.92
C SER A 757 -14.70 -30.54 17.42
N LYS A 758 -14.55 -29.56 16.55
CA LYS A 758 -14.56 -28.14 16.92
C LYS A 758 -15.96 -27.58 16.72
N ASN A 759 -16.80 -28.31 15.95
CA ASN A 759 -18.17 -27.95 15.58
C ASN A 759 -19.13 -29.11 15.85
N PRO A 760 -19.63 -29.25 17.10
CA PRO A 760 -20.53 -30.37 17.42
C PRO A 760 -21.91 -30.33 16.74
N GLY A 761 -22.39 -31.51 16.34
CA GLY A 761 -23.69 -31.74 15.71
C GLY A 761 -24.03 -30.82 14.56
N GLU A 762 -25.13 -30.06 14.71
CA GLU A 762 -25.71 -29.10 13.76
C GLU A 762 -24.71 -28.09 13.19
N ALA A 763 -23.71 -27.68 14.00
CA ALA A 763 -22.66 -26.73 13.64
C ALA A 763 -21.75 -27.17 12.51
N LEU A 764 -21.54 -28.49 12.33
CA LEU A 764 -20.66 -29.09 11.30
C LEU A 764 -20.98 -28.67 9.86
N ASP A 765 -22.27 -28.59 9.52
CA ASP A 765 -22.77 -28.20 8.21
C ASP A 765 -22.36 -26.78 7.82
N ARG A 766 -22.31 -25.86 8.79
CA ARG A 766 -21.92 -24.48 8.58
C ARG A 766 -20.40 -24.42 8.42
N ALA A 767 -19.67 -25.23 9.20
CA ALA A 767 -18.21 -25.32 9.09
C ALA A 767 -17.83 -25.84 7.70
N ILE A 768 -18.53 -26.91 7.20
CA ILE A 768 -18.29 -27.39 5.83
C ILE A 768 -18.56 -26.26 4.77
N GLU A 769 -19.62 -25.43 4.98
CA GLU A 769 -19.95 -24.30 4.12
C GLU A 769 -18.88 -23.20 4.17
N GLU A 770 -18.36 -22.84 5.37
CA GLU A 770 -17.26 -21.89 5.59
C GLU A 770 -15.97 -22.36 4.86
N PHE A 771 -15.70 -23.69 4.89
CA PHE A 771 -14.56 -24.34 4.25
C PHE A 771 -14.64 -24.23 2.72
N THR A 772 -15.76 -24.62 2.15
CA THR A 772 -16.05 -24.60 0.73
C THR A 772 -15.87 -23.21 0.17
N LEU A 773 -16.59 -22.23 0.73
CA LEU A 773 -16.57 -20.85 0.31
C LEU A 773 -15.16 -20.28 0.29
N SER A 774 -14.39 -20.42 1.41
CA SER A 774 -12.99 -19.94 1.58
C SER A 774 -11.99 -20.69 0.73
N CYS A 775 -12.28 -21.96 0.46
CA CYS A 775 -11.51 -22.80 -0.45
C CYS A 775 -11.66 -22.27 -1.92
N ALA A 776 -12.88 -21.91 -2.32
CA ALA A 776 -13.18 -21.36 -3.62
C ALA A 776 -12.48 -20.03 -3.82
N GLY A 777 -12.41 -19.22 -2.77
CA GLY A 777 -11.74 -17.92 -2.83
C GLY A 777 -10.24 -18.05 -2.97
N TYR A 778 -9.58 -18.97 -2.20
CA TYR A 778 -8.14 -19.12 -2.28
C TYR A 778 -7.69 -19.84 -3.53
N CYS A 779 -8.47 -20.76 -4.08
CA CYS A 779 -8.15 -21.45 -5.35
C CYS A 779 -8.00 -20.38 -6.46
N VAL A 780 -8.98 -19.41 -6.54
CA VAL A 780 -9.00 -18.29 -7.49
C VAL A 780 -7.91 -17.25 -7.16
N ALA A 781 -7.81 -16.83 -5.89
CA ALA A 781 -6.77 -15.90 -5.43
C ALA A 781 -5.36 -16.43 -5.78
N THR A 782 -5.04 -17.70 -5.46
CA THR A 782 -3.71 -18.22 -5.73
C THR A 782 -3.48 -18.38 -7.23
N TYR A 783 -4.57 -18.68 -7.99
CA TYR A 783 -4.43 -18.85 -9.42
C TYR A 783 -4.14 -17.53 -10.11
N VAL A 784 -5.06 -16.55 -9.93
CA VAL A 784 -5.01 -15.21 -10.48
C VAL A 784 -3.66 -14.56 -10.13
N LEU A 785 -3.21 -14.72 -8.86
CA LEU A 785 -1.96 -14.16 -8.34
C LEU A 785 -0.69 -15.00 -8.49
N GLY A 786 -0.78 -16.25 -8.96
CA GLY A 786 0.40 -17.09 -9.17
C GLY A 786 1.14 -17.51 -7.90
N ILE A 787 0.40 -17.72 -6.81
CA ILE A 787 0.98 -18.13 -5.54
C ILE A 787 1.39 -19.58 -5.63
N GLY A 788 2.68 -19.79 -5.52
CA GLY A 788 3.29 -21.09 -5.53
C GLY A 788 4.01 -21.29 -4.23
N ASP A 789 4.70 -22.45 -4.12
CA ASP A 789 5.41 -22.93 -2.93
C ASP A 789 4.39 -23.30 -1.84
N ARG A 790 3.26 -23.90 -2.26
CA ARG A 790 2.17 -24.33 -1.36
C ARG A 790 2.46 -25.72 -0.81
N HIS A 791 2.48 -25.83 0.54
CA HIS A 791 2.70 -27.05 1.32
C HIS A 791 1.65 -27.07 2.41
N SER A 792 1.51 -28.20 3.14
CA SER A 792 0.54 -28.34 4.23
C SER A 792 0.80 -27.40 5.44
N ASP A 793 2.00 -26.82 5.52
CA ASP A 793 2.39 -25.95 6.62
C ASP A 793 2.07 -24.46 6.38
N ASN A 794 1.87 -24.03 5.11
CA ASN A 794 1.54 -22.63 4.80
C ASN A 794 0.06 -22.47 4.32
N ILE A 795 -0.78 -23.49 4.59
CA ILE A 795 -2.23 -23.52 4.37
C ILE A 795 -2.79 -23.75 5.78
N MET A 796 -3.52 -22.76 6.30
CA MET A 796 -4.10 -22.84 7.64
C MET A 796 -5.61 -23.02 7.61
N ILE A 797 -6.16 -23.50 8.71
CA ILE A 797 -7.62 -23.62 8.84
C ILE A 797 -8.10 -23.13 10.23
N ARG A 798 -9.11 -22.25 10.23
CA ARG A 798 -9.77 -21.70 11.42
C ARG A 798 -10.80 -22.70 12.00
N GLU A 799 -11.04 -22.68 13.34
CA GLU A 799 -11.97 -23.60 14.05
C GLU A 799 -13.40 -23.59 13.47
N SER A 800 -13.74 -22.45 12.83
CA SER A 800 -15.01 -22.17 12.21
C SER A 800 -15.14 -22.75 10.80
N GLY A 801 -14.06 -23.39 10.31
CA GLY A 801 -14.05 -24.06 9.02
C GLY A 801 -13.32 -23.36 7.90
N GLN A 802 -13.15 -22.03 8.00
CA GLN A 802 -12.43 -21.20 7.03
C GLN A 802 -10.98 -21.62 6.80
N LEU A 803 -10.64 -21.85 5.54
CA LEU A 803 -9.31 -22.21 5.07
C LEU A 803 -8.61 -20.92 4.58
N PHE A 804 -7.35 -20.74 4.94
CA PHE A 804 -6.60 -19.57 4.45
C PHE A 804 -5.14 -19.92 4.23
N HIS A 805 -4.48 -19.14 3.39
CA HIS A 805 -3.08 -19.34 3.06
C HIS A 805 -2.27 -18.30 3.77
N ILE A 806 -1.04 -18.68 4.15
CA ILE A 806 -0.02 -17.79 4.73
C ILE A 806 1.26 -17.87 3.88
N ASP A 807 2.28 -17.07 4.26
CA ASP A 807 3.65 -17.01 3.71
C ASP A 807 3.73 -16.86 2.19
N PHE A 808 3.62 -15.60 1.72
CA PHE A 808 3.59 -15.22 0.31
C PHE A 808 4.94 -14.67 -0.24
N GLY A 809 5.98 -15.50 -0.13
CA GLY A 809 7.29 -15.17 -0.65
C GLY A 809 7.39 -15.27 -2.16
N HIS A 810 6.66 -16.25 -2.76
CA HIS A 810 6.66 -16.50 -4.20
C HIS A 810 5.27 -16.38 -4.83
N PHE A 811 5.11 -15.37 -5.72
CA PHE A 811 3.87 -15.05 -6.43
C PHE A 811 4.17 -14.70 -7.89
N LEU A 812 3.13 -14.40 -8.71
CA LEU A 812 3.26 -14.05 -10.13
C LEU A 812 4.02 -15.14 -10.92
N GLY A 813 3.74 -16.39 -10.58
CA GLY A 813 4.32 -17.56 -11.23
C GLY A 813 5.48 -18.18 -10.50
N ASN A 814 6.39 -17.33 -9.95
CA ASN A 814 7.63 -17.72 -9.24
C ASN A 814 7.40 -18.54 -7.96
N PRO A 827 0.45 -23.79 -12.76
CA PRO A 827 -0.82 -24.54 -12.73
C PRO A 827 -1.68 -24.26 -11.50
N PHE A 828 -3.01 -24.32 -11.69
CA PHE A 828 -4.04 -24.19 -10.64
C PHE A 828 -3.87 -25.39 -9.65
N ILE A 829 -4.15 -25.20 -8.33
CA ILE A 829 -3.98 -26.26 -7.32
C ILE A 829 -5.34 -26.71 -6.70
N LEU A 830 -5.49 -28.04 -6.39
CA LEU A 830 -6.66 -28.70 -5.77
C LEU A 830 -6.21 -30.00 -5.05
N THR A 831 -6.62 -30.21 -3.78
CA THR A 831 -6.27 -31.39 -2.95
C THR A 831 -7.50 -32.25 -2.62
N TYR A 832 -7.35 -33.59 -2.62
CA TYR A 832 -8.46 -34.52 -2.33
C TYR A 832 -8.88 -34.52 -0.84
N ASP A 833 -8.00 -34.07 0.06
CA ASP A 833 -8.28 -33.93 1.50
C ASP A 833 -9.26 -32.72 1.71
N PHE A 834 -9.21 -31.72 0.80
CA PHE A 834 -10.11 -30.57 0.78
C PHE A 834 -11.41 -30.99 0.10
N VAL A 835 -11.30 -31.76 -1.01
CA VAL A 835 -12.41 -32.35 -1.76
C VAL A 835 -13.24 -33.27 -0.83
N HIS A 836 -12.58 -34.07 0.01
CA HIS A 836 -13.28 -34.92 0.99
C HIS A 836 -14.21 -34.05 1.90
N VAL A 837 -13.72 -32.87 2.35
CA VAL A 837 -14.49 -31.95 3.19
C VAL A 837 -15.68 -31.37 2.40
N ILE A 838 -15.39 -30.81 1.19
CA ILE A 838 -16.38 -30.23 0.29
C ILE A 838 -17.51 -31.25 0.02
N GLN A 839 -17.16 -32.53 -0.14
CA GLN A 839 -18.09 -33.63 -0.41
C GLN A 839 -18.75 -34.25 0.84
N GLN A 840 -18.57 -33.64 2.04
CA GLN A 840 -19.11 -34.09 3.34
C GLN A 840 -18.71 -35.57 3.69
N GLY A 841 -17.50 -35.96 3.29
CA GLY A 841 -16.96 -37.30 3.51
C GLY A 841 -17.33 -38.30 2.44
N LYS A 842 -18.40 -38.01 1.68
CA LYS A 842 -18.91 -38.86 0.61
C LYS A 842 -17.93 -38.94 -0.57
N THR A 843 -17.68 -40.19 -1.08
CA THR A 843 -16.76 -40.44 -2.21
C THR A 843 -17.23 -39.77 -3.51
N ASN A 844 -18.53 -39.84 -3.78
CA ASN A 844 -19.14 -39.23 -4.94
C ASN A 844 -20.24 -38.29 -4.46
N ASN A 845 -20.01 -37.00 -4.65
CA ASN A 845 -20.93 -35.94 -4.22
C ASN A 845 -20.71 -34.73 -5.11
N SER A 846 -21.13 -34.86 -6.37
CA SER A 846 -21.00 -33.83 -7.39
C SER A 846 -21.95 -32.66 -7.19
N GLU A 847 -22.98 -32.82 -6.33
CA GLU A 847 -23.92 -31.75 -5.99
C GLU A 847 -23.10 -30.73 -5.28
N LYS A 848 -22.44 -31.16 -4.16
CA LYS A 848 -21.56 -30.32 -3.33
C LYS A 848 -20.32 -29.87 -4.08
N PHE A 849 -19.64 -30.75 -4.83
CA PHE A 849 -18.44 -30.36 -5.57
C PHE A 849 -18.70 -29.27 -6.63
N GLU A 850 -19.75 -29.45 -7.44
CA GLU A 850 -20.06 -28.52 -8.52
C GLU A 850 -20.54 -27.17 -8.01
N ARG A 851 -21.15 -27.12 -6.81
CA ARG A 851 -21.52 -25.88 -6.10
C ARG A 851 -20.21 -25.09 -5.88
N PHE A 852 -19.13 -25.79 -5.48
CA PHE A 852 -17.79 -25.26 -5.26
C PHE A 852 -17.17 -24.78 -6.59
N ARG A 853 -17.35 -25.54 -7.69
CA ARG A 853 -16.86 -25.16 -9.02
C ARG A 853 -17.51 -23.85 -9.47
N GLY A 854 -18.81 -23.69 -9.17
CA GLY A 854 -19.58 -22.49 -9.47
C GLY A 854 -19.17 -21.32 -8.61
N TYR A 855 -18.76 -21.57 -7.36
CA TYR A 855 -18.27 -20.52 -6.46
C TYR A 855 -16.99 -19.97 -7.02
N CYS A 856 -16.09 -20.84 -7.54
CA CYS A 856 -14.85 -20.44 -8.23
C CYS A 856 -15.13 -19.60 -9.46
N GLU A 857 -16.05 -20.07 -10.35
CA GLU A 857 -16.39 -19.39 -11.60
C GLU A 857 -16.99 -18.02 -11.37
N ARG A 858 -17.95 -17.90 -10.44
CA ARG A 858 -18.55 -16.59 -10.09
C ARG A 858 -17.46 -15.63 -9.58
N ALA A 859 -16.58 -16.12 -8.65
CA ALA A 859 -15.44 -15.39 -8.08
C ALA A 859 -14.46 -14.96 -9.15
N TYR A 860 -14.07 -15.87 -10.05
CA TYR A 860 -13.14 -15.58 -11.15
C TYR A 860 -13.66 -14.47 -12.10
N THR A 861 -14.95 -14.54 -12.54
CA THR A 861 -15.51 -13.55 -13.44
C THR A 861 -15.74 -12.21 -12.75
N ILE A 862 -15.95 -12.18 -11.42
CA ILE A 862 -16.06 -10.87 -10.74
C ILE A 862 -14.69 -10.16 -10.86
N LEU A 863 -13.58 -10.90 -10.62
CA LEU A 863 -12.21 -10.39 -10.71
C LEU A 863 -11.85 -9.88 -12.08
N ARG A 864 -12.26 -10.60 -13.16
CA ARG A 864 -12.04 -10.20 -14.56
C ARG A 864 -12.71 -8.87 -14.93
N ARG A 865 -13.93 -8.59 -14.35
CA ARG A 865 -14.67 -7.34 -14.52
C ARG A 865 -13.84 -6.15 -13.98
N HIS A 866 -12.92 -6.44 -13.03
CA HIS A 866 -12.03 -5.47 -12.38
C HIS A 866 -10.57 -5.71 -12.71
N GLY A 867 -10.31 -6.57 -13.69
CA GLY A 867 -8.98 -6.89 -14.17
C GLY A 867 -8.08 -5.72 -14.44
N LEU A 868 -8.65 -4.62 -14.93
CA LEU A 868 -7.86 -3.42 -15.21
C LEU A 868 -7.33 -2.78 -13.95
N LEU A 869 -8.16 -2.77 -12.87
CA LEU A 869 -7.80 -2.29 -11.52
C LEU A 869 -6.62 -3.06 -10.95
N PHE A 870 -6.60 -4.40 -11.11
CA PHE A 870 -5.46 -5.17 -10.63
C PHE A 870 -4.19 -4.81 -11.40
N LEU A 871 -4.30 -4.68 -12.74
CA LEU A 871 -3.20 -4.27 -13.63
C LEU A 871 -2.62 -2.89 -13.29
N HIS A 872 -3.47 -1.85 -13.17
CA HIS A 872 -3.03 -0.50 -12.79
C HIS A 872 -2.38 -0.45 -11.40
N LEU A 873 -2.91 -1.24 -10.43
CA LEU A 873 -2.34 -1.32 -9.10
C LEU A 873 -0.99 -2.00 -9.10
N PHE A 874 -0.89 -3.17 -9.74
CA PHE A 874 0.38 -3.88 -9.89
C PHE A 874 1.45 -3.05 -10.68
N ALA A 875 1.01 -2.22 -11.64
CA ALA A 875 1.88 -1.37 -12.44
C ALA A 875 2.55 -0.36 -11.54
N LEU A 876 1.80 0.29 -10.65
CA LEU A 876 2.32 1.28 -9.70
C LEU A 876 3.31 0.68 -8.69
N MET A 877 3.18 -0.63 -8.41
CA MET A 877 4.04 -1.39 -7.46
C MET A 877 5.39 -1.78 -8.06
N ARG A 878 5.63 -1.48 -9.34
CA ARG A 878 6.94 -1.70 -9.93
C ARG A 878 7.94 -0.73 -9.26
N ALA A 879 7.44 0.44 -8.76
CA ALA A 879 8.20 1.47 -8.01
C ALA A 879 8.70 0.97 -6.65
N ALA A 880 7.99 -0.01 -6.04
CA ALA A 880 8.34 -0.60 -4.75
C ALA A 880 9.75 -1.18 -4.68
N GLY A 881 10.19 -1.81 -5.77
CA GLY A 881 11.51 -2.42 -5.87
C GLY A 881 11.52 -3.87 -5.44
N LEU A 882 10.42 -4.61 -5.72
CA LEU A 882 10.32 -6.03 -5.38
C LEU A 882 11.00 -6.86 -6.46
N PRO A 883 11.87 -7.85 -6.12
CA PRO A 883 12.55 -8.61 -7.19
C PRO A 883 11.62 -9.46 -8.05
N GLU A 884 10.44 -9.81 -7.54
CA GLU A 884 9.44 -10.57 -8.31
C GLU A 884 8.35 -9.64 -8.92
N LEU A 885 8.55 -8.31 -8.85
CA LEU A 885 7.67 -7.25 -9.39
C LEU A 885 8.50 -5.96 -9.66
N SER A 886 9.22 -5.94 -10.81
CA SER A 886 10.15 -4.88 -11.24
C SER A 886 10.09 -4.49 -12.74
N CYS A 887 9.63 -5.40 -13.61
CA CYS A 887 9.48 -5.19 -15.07
C CYS A 887 8.08 -5.62 -15.57
N SER A 888 7.85 -5.52 -16.89
CA SER A 888 6.58 -5.86 -17.55
C SER A 888 6.28 -7.36 -17.55
N LYS A 889 7.32 -8.20 -17.76
CA LYS A 889 7.26 -9.68 -17.79
C LYS A 889 6.52 -10.27 -16.58
N ASP A 890 6.65 -9.64 -15.41
CA ASP A 890 6.01 -10.08 -14.16
C ASP A 890 4.48 -9.92 -14.24
N ILE A 891 4.00 -8.72 -14.64
CA ILE A 891 2.59 -8.34 -14.82
C ILE A 891 1.92 -9.15 -15.98
N GLN A 892 2.71 -9.89 -16.78
CA GLN A 892 2.19 -10.76 -17.83
C GLN A 892 1.46 -11.95 -17.21
N TYR A 893 1.93 -12.41 -16.04
CA TYR A 893 1.25 -13.49 -15.34
C TYR A 893 -0.24 -13.13 -15.13
N LEU A 894 -0.52 -11.90 -14.60
CA LEU A 894 -1.87 -11.35 -14.35
C LEU A 894 -2.66 -11.18 -15.61
N LYS A 895 -2.01 -10.74 -16.69
CA LYS A 895 -2.58 -10.58 -18.01
C LYS A 895 -3.09 -11.94 -18.46
N ASP A 896 -2.26 -12.99 -18.34
CA ASP A 896 -2.60 -14.36 -18.69
C ASP A 896 -3.70 -14.93 -17.79
N SER A 897 -3.54 -14.84 -16.45
CA SER A 897 -4.47 -15.38 -15.44
C SER A 897 -5.89 -14.76 -15.50
N LEU A 898 -5.97 -13.41 -15.59
CA LEU A 898 -7.26 -12.73 -15.72
C LEU A 898 -7.73 -12.71 -17.17
N ALA A 899 -6.97 -13.36 -18.11
CA ALA A 899 -7.24 -13.51 -19.55
C ALA A 899 -8.05 -12.32 -20.16
N LEU A 900 -7.53 -11.10 -19.91
CA LEU A 900 -8.18 -9.84 -20.25
C LEU A 900 -8.22 -9.46 -21.76
N GLY A 901 -7.33 -10.06 -22.56
CA GLY A 901 -7.28 -9.86 -24.00
C GLY A 901 -8.26 -10.73 -24.77
N LYS A 902 -9.23 -11.31 -24.04
CA LYS A 902 -10.28 -12.21 -24.54
C LYS A 902 -11.69 -11.77 -24.09
N THR A 903 -12.72 -12.47 -24.56
CA THR A 903 -14.12 -12.24 -24.23
C THR A 903 -14.43 -13.05 -22.94
N GLU A 904 -15.58 -12.81 -22.29
CA GLU A 904 -15.95 -13.56 -21.07
C GLU A 904 -16.22 -15.03 -21.35
N GLU A 905 -16.75 -15.36 -22.54
CA GLU A 905 -17.02 -16.74 -22.95
C GLU A 905 -15.70 -17.47 -23.18
N GLU A 906 -14.75 -16.82 -23.89
CA GLU A 906 -13.42 -17.37 -24.18
C GLU A 906 -12.51 -17.46 -22.95
N ALA A 907 -12.78 -16.67 -21.90
CA ALA A 907 -11.99 -16.69 -20.66
C ALA A 907 -12.53 -17.74 -19.68
N LEU A 908 -13.86 -17.87 -19.63
CA LEU A 908 -14.56 -18.83 -18.78
C LEU A 908 -14.33 -20.26 -19.29
N LYS A 909 -14.09 -20.41 -20.61
CA LYS A 909 -13.77 -21.69 -21.26
C LYS A 909 -12.36 -22.08 -20.80
N HIS A 910 -11.49 -21.08 -20.67
CA HIS A 910 -10.11 -21.22 -20.22
C HIS A 910 -10.03 -21.46 -18.72
N PHE A 911 -10.96 -20.89 -17.93
CA PHE A 911 -10.96 -21.14 -16.49
C PHE A 911 -11.40 -22.57 -16.26
N ARG A 912 -12.49 -23.00 -16.93
CA ARG A 912 -13.02 -24.37 -16.83
C ARG A 912 -11.95 -25.41 -17.19
N VAL A 913 -11.25 -25.22 -18.32
CA VAL A 913 -10.17 -26.10 -18.75
C VAL A 913 -9.03 -26.10 -17.71
N LYS A 914 -8.64 -24.92 -17.14
CA LYS A 914 -7.57 -24.88 -16.12
C LYS A 914 -8.01 -25.52 -14.79
N PHE A 915 -9.32 -25.43 -14.45
CA PHE A 915 -9.93 -26.03 -13.25
C PHE A 915 -9.95 -27.55 -13.42
N ASN A 916 -10.31 -28.03 -14.64
CA ASN A 916 -10.33 -29.44 -15.04
C ASN A 916 -8.90 -29.98 -15.07
N GLU A 917 -7.91 -29.16 -15.50
CA GLU A 917 -6.50 -29.53 -15.57
C GLU A 917 -5.87 -29.67 -14.18
N ALA A 918 -6.37 -28.88 -13.21
CA ALA A 918 -5.96 -28.87 -11.80
C ALA A 918 -6.59 -30.05 -11.05
N LEU A 919 -7.75 -30.50 -11.57
CA LEU A 919 -8.56 -31.61 -11.07
C LEU A 919 -7.90 -32.94 -11.41
N ARG A 920 -7.45 -33.10 -12.68
CA ARG A 920 -6.77 -34.30 -13.21
C ARG A 920 -5.44 -34.55 -12.47
N GLU A 921 -4.85 -33.48 -11.89
CA GLU A 921 -3.64 -33.50 -11.08
C GLU A 921 -4.00 -34.04 -9.68
N SER A 922 -5.15 -33.58 -9.13
CA SER A 922 -5.74 -33.96 -7.83
C SER A 922 -6.18 -35.44 -7.83
N TRP A 923 -6.80 -35.91 -8.94
CA TRP A 923 -7.31 -37.27 -9.13
C TRP A 923 -6.23 -38.35 -9.08
N LYS A 924 -4.95 -37.96 -9.30
CA LYS A 924 -3.77 -38.84 -9.25
C LYS A 924 -3.50 -39.32 -7.80
N THR A 925 -3.93 -38.50 -6.81
CA THR A 925 -3.83 -38.78 -5.38
C THR A 925 -4.95 -39.77 -5.01
N LYS A 926 -6.20 -39.49 -5.47
CA LYS A 926 -7.40 -40.30 -5.26
C LYS A 926 -7.23 -41.68 -5.92
#